data_7W6K
#
_entry.id   7W6K
#
_cell.length_a   1.00
_cell.length_b   1.00
_cell.length_c   1.00
_cell.angle_alpha   90.00
_cell.angle_beta   90.00
_cell.angle_gamma   90.00
#
_symmetry.space_group_name_H-M   'P 1'
#
_entity_poly.entity_id   1
_entity_poly.type   'polypeptide(L)'
_entity_poly.pdbx_seq_one_letter_code
;MVPKVYAGQEMAMVENENCIMNGKWKKRVHVFGERVMRFPNKAWQTTWKVGREDPRRLIHAFKVGLSLTLASLLYLLEPL
FKGIGQSAIWAVMTVVVVLEFTAGATLCKGLNRGLGTLLAGLLAFLVGYIANASDRVSQAIIIGAAVFFIGALATYMRFI
PYIKKNYDYGLVIFLLTFNLITVSSYRLENVLKIAHDRVYTIAIGCAVCLLMSLLVFPNWSGEDLHNSTVYKLEGLAKSI
EACVNEYFYGEIEGSGYMKLSEDPIYKGYKAVLDSKSIDETLALHASWEPRHSRYCHRFPWQQYVKVGAVLRQFGYTVVA
LHGCLRTEIQTPRSVRAMFKDPCIRLAAEVSKVLIELSNSIRNRRHCSPEILSDHLHEALQDLNTAIKSQPRLFLGPKHR
HNQATNMLKIAAAQVGQERHGKTSLSSVKTDSSALLEWKTKRVSAEQTKESERKSLRPQLSKIAITSLEFSEALPFAAFA
SLLVETVAKLDLVIEEVEELGRLACFKEFIPGDEFVVTCQEPRVDVSQNHLPSHGVD
;
_entity_poly.pdbx_strand_id   A,B
#
# COMPACT_ATOMS: atom_id res chain seq x y z
N VAL A 36 11.69 -24.35 13.22
CA VAL A 36 12.22 -24.28 11.87
C VAL A 36 11.79 -25.51 11.07
N MET A 37 11.74 -26.68 11.71
CA MET A 37 11.28 -27.89 11.04
C MET A 37 10.00 -27.63 10.26
N ARG A 38 9.04 -26.94 10.87
CA ARG A 38 7.73 -26.77 10.27
C ARG A 38 7.62 -25.51 9.42
N PHE A 39 8.68 -24.71 9.34
CA PHE A 39 8.64 -23.52 8.49
C PHE A 39 8.49 -23.86 7.02
N PRO A 40 9.36 -24.66 6.40
CA PRO A 40 9.21 -24.90 4.96
C PRO A 40 7.92 -25.61 4.59
N ASN A 41 7.60 -26.73 5.24
CA ASN A 41 6.36 -27.43 4.94
C ASN A 41 5.16 -26.52 5.14
N LYS A 42 5.14 -25.77 6.25
CA LYS A 42 4.07 -24.80 6.47
C LYS A 42 3.91 -23.85 5.31
N ALA A 43 4.94 -23.66 4.48
CA ALA A 43 4.76 -22.91 3.25
C ALA A 43 3.69 -23.55 2.39
N TRP A 44 3.63 -24.87 2.35
CA TRP A 44 2.56 -25.54 1.57
C TRP A 44 1.18 -24.98 1.92
N GLN A 45 1.00 -24.51 3.17
CA GLN A 45 -0.30 -23.88 3.55
C GLN A 45 -0.36 -22.45 2.98
N THR A 46 0.73 -21.70 2.99
CA THR A 46 0.74 -20.35 2.35
C THR A 46 0.56 -20.50 0.84
N THR A 47 1.19 -21.50 0.25
CA THR A 47 1.13 -21.67 -1.22
C THR A 47 -0.29 -22.03 -1.64
N TRP A 48 -0.97 -22.93 -0.92
CA TRP A 48 -2.27 -23.28 -1.49
C TRP A 48 -3.27 -22.12 -1.40
N LYS A 49 -3.14 -21.28 -0.37
CA LYS A 49 -3.99 -20.09 -0.30
C LYS A 49 -3.92 -19.32 -1.60
N VAL A 50 -2.70 -19.07 -2.09
CA VAL A 50 -2.56 -18.49 -3.43
C VAL A 50 -3.23 -19.39 -4.46
N GLY A 51 -3.10 -20.70 -4.30
CA GLY A 51 -3.69 -21.61 -5.27
C GLY A 51 -5.20 -21.62 -5.22
N ARG A 52 -5.76 -21.84 -4.04
CA ARG A 52 -7.21 -21.99 -3.92
C ARG A 52 -7.93 -20.65 -4.04
N GLU A 53 -7.38 -19.60 -3.43
CA GLU A 53 -7.98 -18.27 -3.55
C GLU A 53 -8.25 -17.93 -5.01
N ASP A 54 -7.33 -18.28 -5.89
CA ASP A 54 -7.49 -18.00 -7.31
C ASP A 54 -6.69 -19.01 -8.10
N PRO A 55 -7.33 -19.80 -8.98
CA PRO A 55 -6.57 -20.72 -9.81
C PRO A 55 -5.91 -20.05 -10.98
N ARG A 56 -6.38 -18.89 -11.42
CA ARG A 56 -5.79 -18.26 -12.59
C ARG A 56 -4.31 -18.02 -12.40
N ARG A 57 -3.91 -17.56 -11.21
CA ARG A 57 -2.49 -17.31 -10.96
C ARG A 57 -1.64 -18.49 -11.39
N LEU A 58 -2.14 -19.71 -11.21
CA LEU A 58 -1.43 -20.87 -11.74
C LEU A 58 -1.34 -20.82 -13.25
N ILE A 59 -2.46 -20.50 -13.91
CA ILE A 59 -2.44 -20.43 -15.37
C ILE A 59 -1.54 -19.30 -15.84
N HIS A 60 -1.52 -18.18 -15.11
CA HIS A 60 -0.65 -17.09 -15.52
C HIS A 60 0.81 -17.45 -15.31
N ALA A 61 1.12 -18.18 -14.25
CA ALA A 61 2.50 -18.63 -14.04
C ALA A 61 2.93 -19.56 -15.16
N PHE A 62 2.11 -20.53 -15.50
CA PHE A 62 2.46 -21.40 -16.61
C PHE A 62 2.54 -20.62 -17.92
N LYS A 63 1.71 -19.59 -18.08
CA LYS A 63 1.88 -18.71 -19.23
C LYS A 63 3.29 -18.14 -19.25
N VAL A 64 3.61 -17.31 -18.25
CA VAL A 64 4.90 -16.64 -18.22
C VAL A 64 6.02 -17.63 -18.45
N GLY A 65 5.88 -18.85 -17.93
CA GLY A 65 6.91 -19.85 -18.12
C GLY A 65 7.03 -20.28 -19.57
N LEU A 66 5.90 -20.69 -20.17
CA LEU A 66 5.95 -21.11 -21.56
C LEU A 66 6.43 -19.99 -22.46
N SER A 67 6.09 -18.75 -22.10
CA SER A 67 6.53 -17.61 -22.90
C SER A 67 8.03 -17.41 -22.79
N LEU A 68 8.57 -17.41 -21.57
CA LEU A 68 10.01 -17.32 -21.41
C LEU A 68 10.72 -18.42 -22.18
N THR A 69 10.24 -19.65 -22.08
CA THR A 69 10.92 -20.75 -22.75
C THR A 69 10.81 -20.65 -24.26
N LEU A 70 9.62 -20.31 -24.78
CA LEU A 70 9.47 -20.17 -26.22
C LEU A 70 10.34 -19.05 -26.77
N ALA A 71 10.47 -17.96 -26.02
CA ALA A 71 11.33 -16.88 -26.47
C ALA A 71 12.80 -17.30 -26.43
N SER A 72 13.24 -17.88 -25.32
CA SER A 72 14.64 -18.29 -25.22
C SER A 72 14.98 -19.35 -26.25
N LEU A 73 14.00 -20.13 -26.69
CA LEU A 73 14.28 -21.18 -27.66
C LEU A 73 14.85 -20.62 -28.96
N LEU A 74 14.93 -19.31 -29.11
CA LEU A 74 15.81 -18.75 -30.12
C LEU A 74 17.21 -19.34 -30.03
N TYR A 75 17.57 -19.86 -28.85
CA TYR A 75 18.85 -20.55 -28.67
C TYR A 75 19.15 -21.46 -29.87
N LEU A 76 18.19 -22.28 -30.26
CA LEU A 76 18.48 -23.35 -31.22
C LEU A 76 18.09 -22.96 -32.64
N LEU A 77 17.12 -22.05 -32.80
CA LEU A 77 16.60 -21.74 -34.12
C LEU A 77 17.50 -20.80 -34.93
N GLU A 78 18.61 -20.33 -34.35
CA GLU A 78 19.46 -19.39 -35.06
C GLU A 78 19.92 -19.89 -36.43
N PRO A 79 20.22 -21.17 -36.64
CA PRO A 79 20.76 -21.58 -37.95
C PRO A 79 19.96 -21.05 -39.12
N LEU A 80 18.65 -20.85 -38.95
CA LEU A 80 17.82 -20.23 -40.01
C LEU A 80 17.16 -18.97 -39.44
N PHE A 81 16.08 -18.48 -40.07
CA PHE A 81 15.32 -17.33 -39.50
C PHE A 81 16.25 -16.13 -39.30
N LYS A 82 17.15 -15.86 -40.26
CA LYS A 82 18.01 -14.63 -40.23
C LYS A 82 19.10 -14.62 -39.12
N GLY A 83 19.41 -15.78 -38.54
CA GLY A 83 20.50 -15.85 -37.55
C GLY A 83 20.46 -14.82 -36.45
N ILE A 84 19.29 -14.60 -35.82
CA ILE A 84 19.14 -13.57 -34.75
C ILE A 84 19.21 -14.23 -33.36
N GLY A 85 19.55 -15.52 -33.31
CA GLY A 85 19.55 -16.26 -32.03
C GLY A 85 20.54 -15.79 -30.99
N GLN A 86 21.55 -15.02 -31.40
CA GLN A 86 22.61 -14.56 -30.47
C GLN A 86 22.03 -13.65 -29.38
N SER A 87 21.04 -12.84 -29.73
CA SER A 87 20.49 -11.83 -28.78
C SER A 87 19.27 -12.39 -28.04
N ALA A 88 19.00 -13.68 -28.18
CA ALA A 88 17.81 -14.30 -27.57
C ALA A 88 17.56 -13.76 -26.17
N ILE A 89 18.60 -13.58 -25.36
CA ILE A 89 18.38 -13.17 -23.95
C ILE A 89 17.34 -12.06 -23.91
N TRP A 90 17.44 -11.07 -24.78
CA TRP A 90 16.59 -9.89 -24.76
C TRP A 90 15.13 -10.25 -24.91
N ALA A 91 14.81 -11.25 -25.73
CA ALA A 91 13.43 -11.69 -25.80
C ALA A 91 12.94 -12.16 -24.44
N VAL A 92 13.77 -12.93 -23.74
CA VAL A 92 13.39 -13.42 -22.42
C VAL A 92 13.17 -12.26 -21.47
N MET A 93 14.10 -11.30 -21.47
CA MET A 93 13.96 -10.15 -20.59
C MET A 93 12.70 -9.36 -20.94
N THR A 94 12.37 -9.27 -22.22
CA THR A 94 11.17 -8.56 -22.62
C THR A 94 9.94 -9.25 -22.06
N VAL A 95 9.90 -10.58 -22.17
CA VAL A 95 8.76 -11.30 -21.61
C VAL A 95 8.71 -11.12 -20.11
N VAL A 96 9.86 -10.99 -19.46
CA VAL A 96 9.86 -10.87 -18.01
C VAL A 96 9.42 -9.48 -17.57
N VAL A 97 9.61 -8.48 -18.43
CA VAL A 97 9.27 -7.11 -18.04
C VAL A 97 7.87 -6.70 -18.48
N VAL A 98 7.47 -7.08 -19.69
CA VAL A 98 6.19 -6.63 -20.25
C VAL A 98 5.02 -7.46 -19.75
N LEU A 99 5.18 -8.78 -19.71
CA LEU A 99 4.06 -9.65 -19.38
C LEU A 99 3.60 -9.40 -17.96
N GLU A 100 2.32 -9.05 -17.82
CA GLU A 100 1.72 -8.80 -16.53
C GLU A 100 0.49 -9.69 -16.39
N PHE A 101 0.04 -9.86 -15.15
CA PHE A 101 -1.00 -10.85 -14.88
C PHE A 101 -2.29 -10.53 -15.60
N THR A 102 -2.70 -9.26 -15.62
CA THR A 102 -3.96 -8.87 -16.24
C THR A 102 -3.68 -8.41 -17.67
N ALA A 103 -4.23 -9.15 -18.64
CA ALA A 103 -3.92 -8.89 -20.04
C ALA A 103 -3.99 -7.42 -20.39
N GLY A 104 -4.79 -6.66 -19.66
CA GLY A 104 -4.76 -5.22 -19.84
C GLY A 104 -3.50 -4.60 -19.28
N ALA A 105 -3.12 -5.00 -18.06
CA ALA A 105 -1.93 -4.42 -17.45
C ALA A 105 -0.70 -4.67 -18.30
N THR A 106 -0.56 -5.86 -18.88
CA THR A 106 0.57 -6.18 -19.72
C THR A 106 0.56 -5.39 -21.01
N LEU A 107 -0.43 -4.52 -21.20
CA LEU A 107 -0.46 -3.61 -22.33
C LEU A 107 -0.31 -2.16 -21.90
N CYS A 108 -0.97 -1.77 -20.82
CA CYS A 108 -0.74 -0.45 -20.25
C CYS A 108 0.71 -0.18 -19.85
N LYS A 109 1.21 -0.92 -18.86
CA LYS A 109 2.63 -0.82 -18.53
C LYS A 109 3.55 -1.22 -19.70
N GLY A 110 3.02 -2.01 -20.63
CA GLY A 110 3.80 -2.40 -21.79
C GLY A 110 4.12 -1.12 -22.53
N LEU A 111 3.10 -0.42 -22.99
CA LEU A 111 3.33 0.85 -23.68
C LEU A 111 4.05 1.85 -22.78
N ASN A 112 3.78 1.83 -21.48
CA ASN A 112 4.42 2.80 -20.60
C ASN A 112 5.92 2.53 -20.51
N ARG A 113 6.29 1.29 -20.24
CA ARG A 113 7.71 0.95 -20.21
C ARG A 113 8.36 1.17 -21.57
N GLY A 114 7.62 0.93 -22.66
CA GLY A 114 8.19 1.19 -23.97
C GLY A 114 8.62 2.61 -24.32
N LEU A 115 7.71 3.57 -24.12
CA LEU A 115 8.10 4.97 -24.29
C LEU A 115 9.12 5.47 -23.25
N GLY A 116 9.07 4.85 -22.06
CA GLY A 116 10.03 5.22 -21.03
C GLY A 116 11.39 4.82 -21.57
N THR A 117 11.52 3.58 -22.03
CA THR A 117 12.80 3.12 -22.55
C THR A 117 13.17 3.84 -23.84
N LEU A 118 12.18 4.17 -24.67
CA LEU A 118 12.50 4.91 -25.88
C LEU A 118 12.96 6.32 -25.56
N LEU A 119 12.31 6.97 -24.61
CA LEU A 119 12.74 8.30 -24.18
C LEU A 119 14.13 8.26 -23.58
N ALA A 120 14.39 7.27 -22.72
CA ALA A 120 15.69 7.14 -22.11
C ALA A 120 16.76 6.87 -23.17
N GLY A 121 16.45 6.02 -24.14
CA GLY A 121 17.39 5.76 -25.21
C GLY A 121 17.67 6.99 -26.04
N LEU A 122 16.64 7.79 -26.32
CA LEU A 122 16.85 9.03 -27.07
C LEU A 122 17.74 9.98 -26.29
N LEU A 123 17.45 10.17 -24.99
CA LEU A 123 18.29 11.03 -24.18
C LEU A 123 19.72 10.52 -24.14
N ALA A 124 19.89 9.20 -24.06
CA ALA A 124 21.23 8.63 -24.00
C ALA A 124 21.97 8.83 -25.31
N PHE A 125 21.32 8.56 -26.44
CA PHE A 125 21.95 8.80 -27.72
C PHE A 125 22.31 10.26 -27.87
N LEU A 126 21.49 11.17 -27.36
CA LEU A 126 21.80 12.59 -27.43
C LEU A 126 23.07 12.88 -26.63
N VAL A 127 23.09 12.48 -25.37
CA VAL A 127 24.26 12.73 -24.53
C VAL A 127 25.51 12.03 -25.08
N GLY A 128 25.33 10.96 -25.84
CA GLY A 128 26.48 10.28 -26.41
C GLY A 128 27.00 10.97 -27.66
N TYR A 129 26.10 11.46 -28.51
CA TYR A 129 26.53 12.23 -29.67
C TYR A 129 27.19 13.53 -29.24
N ILE A 130 26.57 14.25 -28.30
CA ILE A 130 27.25 15.39 -27.71
C ILE A 130 28.54 14.93 -27.05
N ALA A 131 28.54 13.74 -26.47
CA ALA A 131 29.77 13.09 -26.07
C ALA A 131 30.53 12.64 -27.32
N ASN A 132 31.79 12.24 -27.12
CA ASN A 132 32.59 11.75 -28.24
C ASN A 132 32.77 12.86 -29.29
N ALA A 133 32.33 14.07 -28.97
CA ALA A 133 32.43 15.20 -29.87
C ALA A 133 33.60 16.12 -29.52
N SER A 134 33.77 16.43 -28.24
CA SER A 134 34.88 17.24 -27.76
C SER A 134 36.01 16.25 -27.50
N ASP A 135 37.11 16.75 -26.94
CA ASP A 135 38.26 15.88 -26.69
C ASP A 135 37.99 14.91 -25.55
N ARG A 136 39.00 14.13 -25.15
CA ARG A 136 38.81 13.06 -24.12
C ARG A 136 38.28 13.61 -22.78
N VAL A 137 38.99 14.50 -22.14
CA VAL A 137 38.53 15.00 -20.84
C VAL A 137 37.20 15.72 -21.01
N SER A 138 37.00 16.36 -22.15
CA SER A 138 35.73 17.02 -22.41
C SER A 138 34.58 16.02 -22.44
N GLN A 139 34.72 14.95 -23.23
CA GLN A 139 33.69 13.91 -23.23
C GLN A 139 33.49 13.26 -21.88
N ALA A 140 34.57 13.09 -21.12
CA ALA A 140 34.43 12.52 -19.78
C ALA A 140 33.60 13.43 -18.89
N ILE A 141 33.87 14.73 -18.91
CA ILE A 141 33.12 15.64 -18.06
C ILE A 141 31.66 15.67 -18.47
N ILE A 142 31.40 15.66 -19.78
CA ILE A 142 30.01 15.72 -20.22
C ILE A 142 29.27 14.46 -19.84
N ILE A 143 29.87 13.29 -20.08
CA ILE A 143 29.22 12.03 -19.72
C ILE A 143 28.98 11.97 -18.21
N GLY A 144 29.97 12.38 -17.42
CA GLY A 144 29.80 12.33 -15.98
C GLY A 144 28.71 13.26 -15.50
N ALA A 145 28.72 14.51 -15.97
CA ALA A 145 27.68 15.44 -15.58
C ALA A 145 26.31 14.95 -16.01
N ALA A 146 26.21 14.38 -17.21
CA ALA A 146 24.93 13.89 -17.68
C ALA A 146 24.44 12.75 -16.81
N VAL A 147 25.28 11.74 -16.60
CA VAL A 147 24.85 10.61 -15.76
C VAL A 147 24.45 11.11 -14.38
N PHE A 148 25.22 12.04 -13.82
CA PHE A 148 24.93 12.50 -12.47
C PHE A 148 23.61 13.25 -12.44
N PHE A 149 23.54 14.38 -13.13
CA PHE A 149 22.29 15.12 -13.28
C PHE A 149 21.11 14.18 -13.47
N ILE A 150 21.23 13.21 -14.37
CA ILE A 150 20.13 12.32 -14.67
C ILE A 150 19.77 11.48 -13.46
N GLY A 151 20.76 10.89 -12.80
CA GLY A 151 20.47 10.05 -11.65
C GLY A 151 19.85 10.85 -10.51
N ALA A 152 20.40 12.04 -10.25
CA ALA A 152 19.77 12.93 -9.29
C ALA A 152 18.30 13.09 -9.59
N LEU A 153 17.99 13.58 -10.79
CA LEU A 153 16.59 13.74 -11.19
C LEU A 153 15.81 12.45 -11.04
N ALA A 154 16.45 11.32 -11.34
CA ALA A 154 15.74 10.05 -11.40
C ALA A 154 15.32 9.59 -10.02
N THR A 155 16.26 9.53 -9.09
CA THR A 155 15.90 9.18 -7.73
C THR A 155 14.94 10.21 -7.13
N TYR A 156 15.14 11.48 -7.43
CA TYR A 156 14.20 12.48 -6.95
C TYR A 156 12.79 12.13 -7.38
N MET A 157 12.57 12.02 -8.69
CA MET A 157 11.26 11.61 -9.19
C MET A 157 10.79 10.33 -8.54
N ARG A 158 11.72 9.40 -8.27
CA ARG A 158 11.37 8.19 -7.54
C ARG A 158 10.74 8.51 -6.21
N PHE A 159 11.15 9.61 -5.58
CA PHE A 159 10.56 9.97 -4.30
C PHE A 159 9.14 10.50 -4.47
N ILE A 160 8.84 11.17 -5.58
CA ILE A 160 7.50 11.70 -5.81
C ILE A 160 6.47 10.58 -5.71
N PRO A 161 5.46 10.61 -4.79
CA PRO A 161 4.55 9.46 -4.68
C PRO A 161 3.52 9.36 -5.80
N TYR A 162 3.62 10.18 -6.83
CA TYR A 162 2.72 9.95 -7.98
C TYR A 162 3.30 8.78 -8.79
N ILE A 163 4.63 8.75 -8.95
CA ILE A 163 5.28 7.70 -9.79
C ILE A 163 6.13 6.78 -8.91
N LYS A 164 5.85 6.69 -7.63
CA LYS A 164 6.58 5.69 -6.79
C LYS A 164 5.93 4.30 -6.79
N LYS A 165 4.61 4.20 -6.53
CA LYS A 165 3.88 2.89 -6.62
C LYS A 165 3.47 2.48 -8.05
N ASN A 166 3.17 3.45 -8.90
CA ASN A 166 2.77 3.19 -10.31
C ASN A 166 3.72 4.01 -11.17
N TYR A 167 4.11 3.54 -12.36
CA TYR A 167 5.13 4.24 -13.18
C TYR A 167 6.44 4.27 -12.41
N ASP A 168 6.58 3.44 -11.38
CA ASP A 168 7.88 3.33 -10.68
C ASP A 168 8.84 2.71 -11.67
N TYR A 169 8.34 1.77 -12.46
CA TYR A 169 9.16 1.16 -13.53
C TYR A 169 9.53 2.28 -14.51
N GLY A 170 8.75 3.35 -14.54
CA GLY A 170 9.03 4.49 -15.43
C GLY A 170 10.39 5.09 -15.12
N LEU A 171 10.83 5.10 -13.85
CA LEU A 171 12.20 5.62 -13.57
C LEU A 171 13.20 4.50 -13.26
N VAL A 172 12.76 3.33 -12.84
CA VAL A 172 13.81 2.30 -12.60
C VAL A 172 14.34 1.91 -13.97
N ILE A 173 13.45 1.66 -14.93
CA ILE A 173 13.87 1.34 -16.32
C ILE A 173 14.57 2.55 -16.93
N PHE A 174 13.98 3.74 -16.83
CA PHE A 174 14.63 4.94 -17.36
C PHE A 174 16.11 4.94 -17.04
N LEU A 175 16.43 4.87 -15.74
CA LEU A 175 17.82 5.02 -15.32
C LEU A 175 18.68 3.86 -15.84
N LEU A 176 18.18 2.63 -15.73
CA LEU A 176 18.96 1.49 -16.18
C LEU A 176 19.25 1.58 -17.66
N THR A 177 18.23 1.84 -18.48
CA THR A 177 18.45 1.96 -19.91
C THR A 177 19.41 3.11 -20.22
N PHE A 178 19.26 4.23 -19.54
CA PHE A 178 20.11 5.38 -19.86
C PHE A 178 21.56 5.08 -19.56
N ASN A 179 21.85 4.45 -18.42
CA ASN A 179 23.23 4.12 -18.11
C ASN A 179 23.76 3.05 -19.05
N LEU A 180 22.94 2.05 -19.37
CA LEU A 180 23.41 1.00 -20.26
C LEU A 180 23.63 1.50 -21.68
N ILE A 181 23.02 2.63 -22.03
CA ILE A 181 23.29 3.24 -23.33
C ILE A 181 24.47 4.20 -23.26
N THR A 182 24.65 4.89 -22.13
CA THR A 182 25.83 5.72 -21.98
C THR A 182 27.10 4.90 -22.00
N VAL A 183 27.03 3.65 -21.51
CA VAL A 183 28.20 2.78 -21.58
C VAL A 183 28.47 2.32 -23.00
N SER A 184 27.42 2.13 -23.81
CA SER A 184 27.61 1.86 -25.23
C SER A 184 28.18 3.03 -26.03
N SER A 185 27.87 4.26 -25.61
CA SER A 185 28.42 5.44 -26.26
C SER A 185 29.93 5.35 -26.45
N TYR A 186 30.65 4.99 -25.39
CA TYR A 186 32.11 4.97 -25.45
C TYR A 186 32.57 3.95 -26.49
N ARG A 187 31.91 2.80 -26.56
CA ARG A 187 32.46 1.68 -27.33
C ARG A 187 32.57 1.99 -28.81
N LEU A 188 31.45 2.25 -29.47
CA LEU A 188 31.42 2.36 -30.92
C LEU A 188 30.02 2.80 -31.35
N GLU A 189 29.91 3.23 -32.61
CA GLU A 189 28.62 3.58 -33.17
C GLU A 189 27.98 2.47 -33.97
N ASN A 190 28.75 1.47 -34.42
CA ASN A 190 28.12 0.27 -34.99
C ASN A 190 27.15 -0.35 -34.00
N VAL A 191 27.31 -0.03 -32.71
CA VAL A 191 26.38 -0.51 -31.70
C VAL A 191 24.96 -0.10 -32.05
N LEU A 192 24.81 1.09 -32.63
CA LEU A 192 23.48 1.52 -33.06
C LEU A 192 22.95 0.58 -34.14
N LYS A 193 23.80 0.19 -35.08
CA LYS A 193 23.42 -0.80 -36.09
C LYS A 193 22.92 -2.08 -35.42
N ILE A 194 23.77 -2.66 -34.57
CA ILE A 194 23.43 -3.92 -33.93
C ILE A 194 22.17 -3.77 -33.09
N ALA A 195 21.93 -2.59 -32.52
CA ALA A 195 20.75 -2.38 -31.70
C ALA A 195 19.49 -2.34 -32.54
N HIS A 196 19.50 -1.58 -33.64
CA HIS A 196 18.36 -1.60 -34.53
C HIS A 196 18.20 -2.94 -35.24
N ASP A 197 19.22 -3.81 -35.18
CA ASP A 197 19.04 -5.18 -35.64
C ASP A 197 18.33 -6.01 -34.59
N ARG A 198 18.85 -6.04 -33.37
CA ARG A 198 18.30 -6.81 -32.25
C ARG A 198 16.94 -6.30 -31.80
N VAL A 199 16.54 -5.14 -32.32
CA VAL A 199 15.17 -4.69 -32.09
C VAL A 199 14.19 -5.71 -32.67
N TYR A 200 14.56 -6.36 -33.77
CA TYR A 200 13.68 -7.40 -34.32
C TYR A 200 13.38 -8.53 -33.36
N THR A 201 14.37 -9.02 -32.60
CA THR A 201 14.12 -10.08 -31.63
C THR A 201 13.50 -9.58 -30.34
N ILE A 202 13.82 -8.35 -29.91
CA ILE A 202 13.06 -7.79 -28.81
C ILE A 202 11.60 -7.70 -29.24
N ALA A 203 11.36 -7.54 -30.54
CA ALA A 203 9.99 -7.53 -31.05
C ALA A 203 9.38 -8.92 -31.01
N ILE A 204 10.15 -9.96 -31.30
CA ILE A 204 9.64 -11.31 -31.15
C ILE A 204 9.24 -11.57 -29.70
N GLY A 205 10.08 -11.10 -28.77
CA GLY A 205 9.72 -11.22 -27.37
C GLY A 205 8.44 -10.49 -27.02
N CYS A 206 8.32 -9.24 -27.48
CA CYS A 206 7.10 -8.47 -27.22
C CYS A 206 5.87 -9.14 -27.84
N ALA A 207 6.03 -9.73 -29.02
CA ALA A 207 4.90 -10.40 -29.64
C ALA A 207 4.47 -11.64 -28.88
N VAL A 208 5.43 -12.45 -28.43
CA VAL A 208 5.09 -13.58 -27.58
C VAL A 208 4.37 -13.12 -26.32
N CYS A 209 4.82 -12.00 -25.75
CA CYS A 209 4.15 -11.47 -24.56
C CYS A 209 2.71 -11.11 -24.92
N LEU A 210 2.54 -10.31 -25.96
CA LEU A 210 1.21 -9.88 -26.36
C LEU A 210 0.30 -11.07 -26.60
N LEU A 211 0.77 -12.07 -27.35
CA LEU A 211 -0.05 -13.24 -27.64
C LEU A 211 -0.39 -14.05 -26.40
N MET A 212 0.64 -14.52 -25.68
CA MET A 212 0.43 -15.30 -24.48
C MET A 212 -0.28 -14.53 -23.37
N SER A 213 -0.58 -13.25 -23.59
CA SER A 213 -1.34 -12.48 -22.62
C SER A 213 -2.76 -12.20 -23.11
N LEU A 214 -2.99 -12.09 -24.41
CA LEU A 214 -4.33 -11.77 -24.88
C LEU A 214 -5.11 -12.94 -25.43
N LEU A 215 -4.46 -13.93 -26.04
CA LEU A 215 -5.20 -14.92 -26.81
C LEU A 215 -4.92 -16.36 -26.39
N VAL A 216 -4.53 -16.61 -25.14
CA VAL A 216 -4.31 -17.96 -24.64
C VAL A 216 -5.29 -18.30 -23.52
N PHE A 217 -5.19 -17.59 -22.40
CA PHE A 217 -6.18 -17.69 -21.32
C PHE A 217 -6.21 -16.34 -20.62
N PRO A 218 -6.55 -15.28 -21.36
CA PRO A 218 -6.34 -13.94 -20.85
C PRO A 218 -7.07 -13.71 -19.54
N ASN A 219 -6.51 -12.82 -18.74
CA ASN A 219 -7.18 -12.35 -17.54
C ASN A 219 -7.51 -10.89 -17.78
N TRP A 220 -8.64 -10.67 -18.45
CA TRP A 220 -9.04 -9.32 -18.80
C TRP A 220 -9.27 -8.51 -17.53
N SER A 221 -8.41 -7.50 -17.30
CA SER A 221 -8.52 -6.73 -16.06
C SER A 221 -9.93 -6.19 -15.89
N GLY A 222 -10.44 -5.48 -16.90
CA GLY A 222 -11.87 -5.30 -16.99
C GLY A 222 -12.56 -6.64 -17.02
N GLU A 223 -13.60 -6.80 -16.20
CA GLU A 223 -14.14 -8.08 -15.78
C GLU A 223 -13.27 -8.72 -14.70
N ASP A 224 -12.22 -8.03 -14.25
CA ASP A 224 -11.61 -8.32 -12.98
C ASP A 224 -11.93 -7.19 -12.01
N LEU A 225 -12.33 -6.02 -12.53
CA LEU A 225 -12.98 -4.99 -11.76
C LEU A 225 -14.49 -5.12 -11.84
N HIS A 226 -14.97 -6.10 -12.61
CA HIS A 226 -16.37 -6.50 -12.62
C HIS A 226 -16.63 -7.60 -11.61
N ASN A 227 -15.58 -8.20 -11.05
CA ASN A 227 -15.69 -9.16 -9.98
C ASN A 227 -15.12 -8.66 -8.67
N SER A 228 -14.16 -7.73 -8.70
CA SER A 228 -13.72 -7.11 -7.47
C SER A 228 -14.89 -6.46 -6.75
N THR A 229 -15.82 -5.88 -7.51
CA THR A 229 -16.99 -5.26 -6.89
C THR A 229 -17.86 -6.30 -6.18
N VAL A 230 -18.17 -7.41 -6.85
CA VAL A 230 -19.00 -8.42 -6.20
C VAL A 230 -18.29 -8.99 -4.99
N TYR A 231 -16.97 -9.14 -5.06
CA TYR A 231 -16.24 -9.61 -3.89
C TYR A 231 -16.37 -8.61 -2.75
N LYS A 232 -16.19 -7.32 -3.03
CA LYS A 232 -16.33 -6.32 -1.98
C LYS A 232 -17.71 -6.40 -1.34
N LEU A 233 -18.75 -6.48 -2.16
CA LEU A 233 -20.10 -6.47 -1.61
C LEU A 233 -20.36 -7.72 -0.78
N GLU A 234 -20.02 -8.89 -1.32
CA GLU A 234 -20.22 -10.13 -0.57
C GLU A 234 -19.47 -10.08 0.76
N GLY A 235 -18.17 -9.74 0.71
CA GLY A 235 -17.39 -9.70 1.92
C GLY A 235 -17.87 -8.65 2.90
N LEU A 236 -18.43 -7.56 2.41
CA LEU A 236 -18.90 -6.50 3.30
C LEU A 236 -20.18 -6.92 3.99
N ALA A 237 -21.07 -7.60 3.28
CA ALA A 237 -22.23 -8.20 3.94
C ALA A 237 -21.78 -9.19 5.00
N LYS A 238 -20.86 -10.08 4.64
CA LYS A 238 -20.32 -11.00 5.62
C LYS A 238 -19.76 -10.26 6.83
N SER A 239 -19.09 -9.13 6.58
CA SER A 239 -18.44 -8.40 7.66
C SER A 239 -19.47 -7.77 8.59
N ILE A 240 -20.53 -7.20 8.04
CA ILE A 240 -21.57 -6.62 8.90
C ILE A 240 -22.23 -7.71 9.73
N GLU A 241 -22.58 -8.83 9.10
CA GLU A 241 -23.20 -9.91 9.86
C GLU A 241 -22.27 -10.38 10.97
N ALA A 242 -21.01 -10.64 10.63
CA ALA A 242 -20.07 -11.14 11.62
C ALA A 242 -19.80 -10.12 12.71
N CYS A 243 -19.82 -8.84 12.39
CA CYS A 243 -19.59 -7.83 13.41
C CYS A 243 -20.76 -7.77 14.37
N VAL A 244 -21.98 -7.63 13.85
CA VAL A 244 -23.12 -7.57 14.74
C VAL A 244 -23.26 -8.86 15.54
N ASN A 245 -22.68 -9.96 15.06
CA ASN A 245 -22.68 -11.18 15.87
C ASN A 245 -21.62 -11.15 16.96
N GLU A 246 -20.36 -10.90 16.63
CA GLU A 246 -19.32 -10.97 17.70
C GLU A 246 -19.54 -9.90 18.75
N TYR A 247 -20.40 -8.95 18.50
CA TYR A 247 -20.66 -8.02 19.59
C TYR A 247 -21.80 -8.63 20.36
N PHE A 248 -22.97 -8.83 19.77
CA PHE A 248 -24.16 -9.26 20.55
C PHE A 248 -24.01 -10.65 21.19
N TYR A 249 -23.58 -11.68 20.46
CA TYR A 249 -23.26 -13.00 21.06
C TYR A 249 -21.77 -12.94 21.28
N GLY A 250 -21.35 -12.11 22.20
CA GLY A 250 -19.91 -11.87 22.28
C GLY A 250 -19.14 -13.12 22.53
N GLU A 251 -17.98 -13.26 21.88
CA GLU A 251 -17.09 -14.39 22.22
C GLU A 251 -16.89 -14.30 23.73
N ILE A 252 -16.26 -13.20 24.16
CA ILE A 252 -16.10 -12.83 25.59
C ILE A 252 -16.01 -11.31 25.46
N GLU A 253 -16.69 -10.53 26.31
CA GLU A 253 -16.74 -9.06 26.08
C GLU A 253 -15.39 -8.34 26.10
N GLY A 254 -14.50 -8.61 27.07
CA GLY A 254 -13.23 -7.86 27.23
C GLY A 254 -12.42 -7.64 25.97
N SER A 255 -11.98 -6.39 25.68
CA SER A 255 -11.10 -6.17 24.52
C SER A 255 -9.64 -6.14 24.93
N GLY A 256 -8.74 -6.27 23.95
CA GLY A 256 -7.30 -6.35 24.26
C GLY A 256 -6.82 -7.75 23.97
N TYR A 257 -7.50 -8.43 23.02
CA TYR A 257 -7.06 -9.80 22.64
C TYR A 257 -5.94 -9.92 21.59
N MET A 258 -5.94 -9.12 20.51
CA MET A 258 -4.98 -9.27 19.38
C MET A 258 -5.09 -8.16 18.35
N LYS A 259 -4.35 -8.22 17.25
CA LYS A 259 -4.52 -7.22 16.14
C LYS A 259 -5.71 -7.54 15.23
N LEU A 260 -6.34 -6.51 14.65
CA LEU A 260 -7.58 -6.71 13.85
C LEU A 260 -7.31 -7.75 12.78
N SER A 261 -6.06 -7.92 12.37
CA SER A 261 -5.74 -8.76 11.18
C SER A 261 -6.19 -10.21 11.33
N GLU A 262 -6.00 -10.83 12.48
CA GLU A 262 -6.28 -12.29 12.58
C GLU A 262 -7.75 -12.61 12.29
N ASP A 263 -8.71 -11.82 12.78
CA ASP A 263 -10.14 -12.17 12.62
C ASP A 263 -10.60 -11.98 11.16
N PRO A 264 -11.36 -12.94 10.57
CA PRO A 264 -11.77 -12.89 9.15
C PRO A 264 -12.61 -11.64 8.82
N ILE A 265 -13.03 -10.92 9.84
CA ILE A 265 -13.73 -9.65 9.67
C ILE A 265 -12.83 -8.61 9.04
N TYR A 266 -11.60 -8.49 9.54
CA TYR A 266 -10.63 -7.63 8.90
C TYR A 266 -10.34 -8.20 7.52
N LYS A 267 -10.30 -9.52 7.38
CA LYS A 267 -10.14 -10.12 6.05
C LYS A 267 -11.16 -9.54 5.07
N GLY A 268 -12.35 -9.21 5.60
CA GLY A 268 -13.40 -8.67 4.77
C GLY A 268 -13.40 -7.18 4.49
N TYR A 269 -13.13 -6.36 5.52
CA TYR A 269 -13.32 -4.92 5.34
C TYR A 269 -12.01 -4.18 5.10
N LYS A 270 -10.86 -4.84 5.24
CA LYS A 270 -9.61 -4.17 4.88
C LYS A 270 -9.53 -3.94 3.38
N ALA A 271 -10.12 -4.84 2.59
CA ALA A 271 -10.25 -4.57 1.17
C ALA A 271 -10.90 -3.21 0.96
N VAL A 272 -12.16 -3.09 1.37
CA VAL A 272 -12.85 -1.81 1.21
C VAL A 272 -12.07 -0.68 1.85
N LEU A 273 -11.19 -1.00 2.80
CA LEU A 273 -10.28 0.00 3.33
C LEU A 273 -9.33 0.53 2.26
N ASP A 274 -8.61 -0.36 1.60
CA ASP A 274 -7.42 0.04 0.85
C ASP A 274 -7.54 -0.19 -0.66
N SER A 275 -8.72 -0.55 -1.14
CA SER A 275 -8.86 -0.87 -2.55
C SER A 275 -8.86 0.33 -3.45
N LYS A 276 -8.59 1.55 -2.98
CA LYS A 276 -8.62 2.71 -3.86
C LYS A 276 -7.69 2.53 -5.04
N SER A 277 -6.39 2.36 -4.75
CA SER A 277 -5.41 2.22 -5.83
C SER A 277 -5.70 1.00 -6.68
N ILE A 278 -6.11 -0.10 -6.05
CA ILE A 278 -6.39 -1.33 -6.80
C ILE A 278 -7.46 -1.08 -7.83
N ASP A 279 -8.61 -0.57 -7.40
CA ASP A 279 -9.71 -0.31 -8.34
C ASP A 279 -9.31 0.73 -9.36
N GLU A 280 -8.52 1.73 -8.97
CA GLU A 280 -8.13 2.76 -9.92
C GLU A 280 -7.30 2.18 -11.06
N THR A 281 -6.23 1.46 -10.72
CA THR A 281 -5.40 0.86 -11.75
C THR A 281 -6.18 -0.17 -12.56
N LEU A 282 -7.10 -0.88 -11.92
CA LEU A 282 -7.91 -1.84 -12.65
C LEU A 282 -8.77 -1.14 -13.69
N ALA A 283 -9.47 -0.08 -13.30
CA ALA A 283 -10.29 0.65 -14.26
C ALA A 283 -9.43 1.20 -15.39
N LEU A 284 -8.24 1.70 -15.05
CA LEU A 284 -7.33 2.17 -16.09
C LEU A 284 -7.05 1.06 -17.09
N HIS A 285 -6.40 -0.01 -16.62
CA HIS A 285 -6.05 -1.11 -17.52
C HIS A 285 -7.26 -1.55 -18.34
N ALA A 286 -8.43 -1.64 -17.71
CA ALA A 286 -9.61 -2.12 -18.41
C ALA A 286 -9.96 -1.18 -19.55
N SER A 287 -10.20 0.10 -19.23
CA SER A 287 -10.38 1.09 -20.28
C SER A 287 -9.31 0.95 -21.35
N TRP A 288 -8.16 0.41 -20.99
CA TRP A 288 -7.02 0.27 -21.87
C TRP A 288 -6.95 -1.12 -22.49
N GLU A 289 -8.05 -1.90 -22.42
CA GLU A 289 -8.16 -3.24 -22.97
C GLU A 289 -8.95 -3.21 -24.29
N PRO A 290 -8.63 -4.12 -25.19
CA PRO A 290 -9.12 -3.99 -26.57
C PRO A 290 -10.51 -4.53 -26.79
N ARG A 291 -10.89 -5.54 -26.02
CA ARG A 291 -12.12 -6.28 -26.33
C ARG A 291 -13.34 -5.39 -26.17
N HIS A 292 -14.11 -5.24 -27.25
CA HIS A 292 -15.42 -4.62 -27.18
C HIS A 292 -16.54 -5.62 -27.49
N SER A 293 -16.23 -6.91 -27.51
CA SER A 293 -17.24 -7.93 -27.71
C SER A 293 -18.24 -7.98 -26.56
N ARG A 294 -18.06 -7.11 -25.55
CA ARG A 294 -19.01 -7.01 -24.45
C ARG A 294 -20.45 -6.85 -24.93
N TYR A 295 -20.64 -6.40 -26.17
CA TYR A 295 -21.93 -5.92 -26.64
C TYR A 295 -22.55 -4.98 -25.60
N CYS A 296 -21.68 -4.17 -25.01
CA CYS A 296 -22.07 -3.16 -24.04
C CYS A 296 -21.95 -1.80 -24.71
N HIS A 297 -23.07 -1.09 -24.82
CA HIS A 297 -23.16 0.15 -25.58
C HIS A 297 -21.97 1.06 -25.34
N ARG A 298 -21.53 1.15 -24.08
CA ARG A 298 -20.44 2.04 -23.72
C ARG A 298 -19.65 1.43 -22.58
N PHE A 299 -18.36 1.17 -22.81
CA PHE A 299 -17.55 0.48 -21.82
C PHE A 299 -17.42 1.34 -20.56
N PRO A 300 -18.17 1.03 -19.51
CA PRO A 300 -18.25 1.93 -18.36
C PRO A 300 -17.26 1.61 -17.25
N TRP A 301 -15.98 1.50 -17.53
CA TRP A 301 -15.08 1.03 -16.48
C TRP A 301 -14.67 2.14 -15.53
N GLN A 302 -15.44 3.23 -15.48
CA GLN A 302 -15.28 4.20 -14.41
C GLN A 302 -16.39 4.08 -13.36
N GLN A 303 -17.60 3.74 -13.80
CA GLN A 303 -18.69 3.57 -12.86
C GLN A 303 -18.34 2.52 -11.81
N TYR A 304 -17.58 1.50 -12.19
CA TYR A 304 -17.12 0.55 -11.19
C TYR A 304 -16.26 1.22 -10.13
N VAL A 305 -15.50 2.24 -10.52
CA VAL A 305 -14.73 2.95 -9.51
C VAL A 305 -15.66 3.80 -8.66
N LYS A 306 -16.71 4.37 -9.24
CA LYS A 306 -17.72 5.03 -8.43
C LYS A 306 -18.24 4.09 -7.35
N VAL A 307 -18.63 2.88 -7.75
CA VAL A 307 -19.16 1.92 -6.80
C VAL A 307 -18.10 1.52 -5.79
N GLY A 308 -16.85 1.42 -6.22
CA GLY A 308 -15.78 1.14 -5.29
C GLY A 308 -15.63 2.23 -4.25
N ALA A 309 -15.85 3.48 -4.62
CA ALA A 309 -15.76 4.56 -3.65
C ALA A 309 -16.91 4.52 -2.67
N VAL A 310 -18.13 4.29 -3.18
CA VAL A 310 -19.27 4.15 -2.28
C VAL A 310 -19.02 3.01 -1.29
N LEU A 311 -18.46 1.90 -1.77
CA LEU A 311 -18.13 0.80 -0.90
C LEU A 311 -17.01 1.17 0.07
N ARG A 312 -16.06 2.00 -0.36
CA ARG A 312 -15.03 2.46 0.57
C ARG A 312 -15.64 3.21 1.73
N GLN A 313 -16.63 4.05 1.45
CA GLN A 313 -17.29 4.79 2.52
C GLN A 313 -18.06 3.84 3.43
N PHE A 314 -18.84 2.95 2.83
CA PHE A 314 -19.54 1.94 3.62
C PHE A 314 -18.56 1.14 4.48
N GLY A 315 -17.37 0.87 3.96
CA GLY A 315 -16.39 0.11 4.70
C GLY A 315 -15.74 0.90 5.81
N TYR A 316 -15.54 2.20 5.61
CA TYR A 316 -15.16 3.05 6.73
C TYR A 316 -16.18 2.92 7.86
N THR A 317 -17.47 2.90 7.50
CA THR A 317 -18.48 2.72 8.53
C THR A 317 -18.36 1.37 9.22
N VAL A 318 -18.16 0.30 8.45
CA VAL A 318 -18.04 -1.01 9.04
C VAL A 318 -16.81 -1.10 9.93
N VAL A 319 -15.74 -0.40 9.55
CA VAL A 319 -14.54 -0.36 10.38
C VAL A 319 -14.84 0.37 11.67
N ALA A 320 -15.61 1.46 11.60
CA ALA A 320 -16.08 2.09 12.83
C ALA A 320 -16.79 1.08 13.70
N LEU A 321 -17.64 0.24 13.11
CA LEU A 321 -18.30 -0.82 13.88
C LEU A 321 -17.29 -1.71 14.57
N HIS A 322 -16.41 -2.34 13.80
CA HIS A 322 -15.49 -3.30 14.40
C HIS A 322 -14.65 -2.64 15.49
N GLY A 323 -14.32 -1.37 15.32
CA GLY A 323 -13.74 -0.64 16.43
C GLY A 323 -14.67 -0.60 17.62
N CYS A 324 -15.95 -0.34 17.36
CA CYS A 324 -16.92 -0.19 18.45
C CYS A 324 -17.08 -1.50 19.22
N LEU A 325 -16.69 -2.62 18.64
CA LEU A 325 -16.76 -3.87 19.39
C LEU A 325 -15.46 -4.22 20.10
N ARG A 326 -14.42 -3.40 19.96
CA ARG A 326 -13.15 -3.66 20.61
C ARG A 326 -12.69 -2.48 21.45
N THR A 327 -13.64 -1.69 21.94
CA THR A 327 -13.31 -0.51 22.73
C THR A 327 -12.87 -0.90 24.13
N GLU A 328 -12.09 -0.02 24.76
CA GLU A 328 -11.75 -0.21 26.16
C GLU A 328 -12.98 -0.02 27.05
N ILE A 329 -13.54 1.18 27.03
CA ILE A 329 -14.81 1.42 27.69
C ILE A 329 -15.88 0.66 26.91
N GLN A 330 -16.48 -0.35 27.54
CA GLN A 330 -17.39 -1.24 26.84
C GLN A 330 -18.70 -1.33 27.61
N THR A 331 -19.78 -1.49 26.87
CA THR A 331 -21.07 -1.62 27.52
C THR A 331 -21.17 -2.97 28.23
N PRO A 332 -21.85 -3.03 29.37
CA PRO A 332 -22.05 -4.32 30.04
C PRO A 332 -22.84 -5.27 29.14
N ARG A 333 -22.44 -6.54 29.17
CA ARG A 333 -23.14 -7.54 28.37
C ARG A 333 -24.63 -7.53 28.68
N SER A 334 -24.98 -7.60 29.96
CA SER A 334 -26.38 -7.63 30.35
C SER A 334 -27.15 -6.49 29.69
N VAL A 335 -26.76 -5.25 29.98
CA VAL A 335 -27.41 -4.10 29.37
C VAL A 335 -27.32 -4.17 27.85
N ARG A 336 -26.37 -4.94 27.32
CA ARG A 336 -26.24 -5.12 25.89
C ARG A 336 -27.09 -6.25 25.35
N ALA A 337 -27.78 -6.99 26.22
CA ALA A 337 -28.58 -8.12 25.78
C ALA A 337 -29.95 -7.70 25.27
N MET A 338 -30.57 -6.69 25.90
CA MET A 338 -31.93 -6.32 25.52
C MET A 338 -32.03 -5.84 24.08
N PHE A 339 -30.91 -5.67 23.40
CA PHE A 339 -30.90 -5.25 22.00
C PHE A 339 -30.48 -6.37 21.06
N LYS A 340 -30.06 -7.51 21.59
CA LYS A 340 -29.71 -8.63 20.73
C LYS A 340 -30.83 -8.91 19.73
N ASP A 341 -32.07 -8.63 20.12
CA ASP A 341 -33.20 -8.82 19.22
C ASP A 341 -33.16 -7.90 18.02
N PRO A 342 -33.21 -6.57 18.18
CA PRO A 342 -33.43 -5.71 17.01
C PRO A 342 -32.26 -5.56 16.04
N CYS A 343 -31.06 -5.27 16.55
CA CYS A 343 -29.96 -4.99 15.64
C CYS A 343 -29.44 -6.24 14.94
N ILE A 344 -29.66 -7.42 15.53
CA ILE A 344 -29.27 -8.64 14.84
C ILE A 344 -30.11 -8.73 13.58
N ARG A 345 -31.43 -8.52 13.71
CA ARG A 345 -32.30 -8.55 12.54
C ARG A 345 -31.94 -7.43 11.57
N LEU A 346 -31.60 -6.25 12.10
CA LEU A 346 -31.27 -5.13 11.23
C LEU A 346 -30.00 -5.44 10.44
N ALA A 347 -29.00 -6.00 11.08
CA ALA A 347 -27.77 -6.35 10.39
C ALA A 347 -28.01 -7.47 9.39
N ALA A 348 -28.87 -8.42 9.74
CA ALA A 348 -29.21 -9.46 8.77
C ALA A 348 -29.86 -8.86 7.53
N GLU A 349 -30.71 -7.85 7.71
CA GLU A 349 -31.33 -7.23 6.55
C GLU A 349 -30.33 -6.39 5.76
N VAL A 350 -29.43 -5.70 6.45
CA VAL A 350 -28.36 -4.99 5.75
C VAL A 350 -27.57 -5.95 4.89
N SER A 351 -27.15 -7.08 5.47
CA SER A 351 -26.38 -8.04 4.71
C SER A 351 -27.19 -8.66 3.59
N LYS A 352 -28.49 -8.85 3.80
CA LYS A 352 -29.33 -9.42 2.74
C LYS A 352 -29.40 -8.47 1.56
N VAL A 353 -29.56 -7.17 1.81
CA VAL A 353 -29.60 -6.23 0.71
C VAL A 353 -28.24 -6.13 0.05
N LEU A 354 -27.17 -6.15 0.83
CA LEU A 354 -25.84 -6.11 0.23
C LEU A 354 -25.60 -7.33 -0.64
N ILE A 355 -26.12 -8.49 -0.25
CA ILE A 355 -25.91 -9.69 -1.05
C ILE A 355 -26.80 -9.70 -2.27
N GLU A 356 -28.01 -9.16 -2.17
CA GLU A 356 -28.81 -9.03 -3.38
C GLU A 356 -28.15 -8.06 -4.36
N LEU A 357 -27.36 -7.10 -3.87
CA LEU A 357 -26.59 -6.22 -4.81
C LEU A 357 -25.43 -7.06 -5.36
N SER A 358 -24.75 -7.84 -4.53
CA SER A 358 -23.58 -8.59 -5.03
C SER A 358 -24.08 -9.49 -6.13
N ASN A 359 -25.21 -10.17 -5.94
CA ASN A 359 -25.74 -10.98 -7.06
C ASN A 359 -26.06 -10.10 -8.27
N SER A 360 -26.40 -8.83 -8.09
CA SER A 360 -26.80 -8.06 -9.28
C SER A 360 -25.61 -7.73 -10.16
N ILE A 361 -24.49 -7.24 -9.61
CA ILE A 361 -23.34 -7.00 -10.52
C ILE A 361 -22.90 -8.34 -11.12
N ARG A 362 -22.84 -9.42 -10.33
CA ARG A 362 -22.32 -10.73 -10.83
C ARG A 362 -23.19 -11.29 -11.95
N ASN A 363 -24.50 -11.16 -11.88
CA ASN A 363 -25.39 -11.80 -12.89
C ASN A 363 -25.87 -10.75 -13.88
N ARG A 364 -25.28 -9.57 -13.86
CA ARG A 364 -25.58 -8.53 -14.89
C ARG A 364 -27.06 -8.17 -15.02
N ARG A 365 -27.78 -8.02 -13.92
CA ARG A 365 -29.19 -7.59 -13.97
C ARG A 365 -29.39 -6.44 -12.99
N HIS A 366 -30.23 -5.44 -13.31
CA HIS A 366 -30.52 -4.37 -12.33
C HIS A 366 -31.23 -4.89 -11.07
N CYS A 367 -30.97 -4.28 -9.89
CA CYS A 367 -31.66 -4.68 -8.62
C CYS A 367 -33.19 -4.59 -8.66
N SER A 368 -33.82 -5.33 -7.76
CA SER A 368 -35.29 -5.26 -7.64
C SER A 368 -35.69 -3.82 -7.36
N PRO A 369 -36.74 -3.20 -7.94
CA PRO A 369 -37.05 -1.82 -7.57
C PRO A 369 -37.12 -1.70 -6.06
N GLU A 370 -37.81 -2.63 -5.40
CA GLU A 370 -37.94 -2.61 -3.94
C GLU A 370 -36.86 -3.45 -3.28
N ILE A 371 -35.59 -3.20 -3.64
CA ILE A 371 -34.50 -3.93 -3.01
C ILE A 371 -34.53 -3.71 -1.51
N LEU A 372 -34.52 -2.46 -1.09
CA LEU A 372 -34.68 -2.15 0.33
C LEU A 372 -36.03 -2.66 0.81
N SER A 373 -35.99 -3.61 1.73
CA SER A 373 -37.17 -4.39 2.06
C SER A 373 -38.05 -3.65 3.05
N ASP A 374 -39.34 -3.99 3.01
CA ASP A 374 -40.21 -3.69 4.14
C ASP A 374 -39.67 -4.32 5.41
N HIS A 375 -38.93 -5.42 5.29
CA HIS A 375 -38.33 -6.04 6.46
C HIS A 375 -37.26 -5.15 7.06
N LEU A 376 -36.50 -4.44 6.22
CA LEU A 376 -35.52 -3.50 6.74
C LEU A 376 -36.20 -2.39 7.54
N HIS A 377 -37.23 -1.79 6.97
CA HIS A 377 -37.94 -0.73 7.69
C HIS A 377 -38.58 -1.27 8.96
N GLU A 378 -39.07 -2.51 8.94
CA GLU A 378 -39.63 -3.10 10.15
C GLU A 378 -38.55 -3.29 11.22
N ALA A 379 -37.37 -3.75 10.80
CA ALA A 379 -36.27 -3.91 11.75
C ALA A 379 -35.88 -2.57 12.35
N LEU A 380 -35.83 -1.52 11.52
CA LEU A 380 -35.50 -0.21 12.07
C LEU A 380 -36.59 0.31 12.99
N GLN A 381 -37.86 0.07 12.66
CA GLN A 381 -38.93 0.42 13.59
C GLN A 381 -38.74 -0.30 14.91
N ASP A 382 -38.40 -1.59 14.86
CA ASP A 382 -38.21 -2.36 16.08
C ASP A 382 -37.06 -1.81 16.89
N LEU A 383 -35.93 -1.52 16.23
CA LEU A 383 -34.78 -0.96 16.94
C LEU A 383 -35.11 0.38 17.57
N ASN A 384 -35.87 1.21 16.85
CA ASN A 384 -36.34 2.47 17.41
C ASN A 384 -37.15 2.23 18.68
N THR A 385 -38.12 1.32 18.61
CA THR A 385 -38.90 1.00 19.79
C THR A 385 -37.99 0.55 20.94
N ALA A 386 -37.08 -0.38 20.66
CA ALA A 386 -36.16 -0.84 21.69
C ALA A 386 -35.45 0.34 22.35
N ILE A 387 -34.95 1.27 21.53
CA ILE A 387 -34.33 2.47 22.08
C ILE A 387 -35.32 3.23 22.96
N LYS A 388 -36.58 3.26 22.54
CA LYS A 388 -37.60 3.90 23.35
C LYS A 388 -37.84 3.13 24.64
N SER A 389 -38.13 1.84 24.54
CA SER A 389 -38.31 1.02 25.71
C SER A 389 -37.04 1.00 26.55
N GLN A 390 -37.17 1.19 27.86
CA GLN A 390 -36.03 1.37 28.75
C GLN A 390 -35.18 2.53 28.23
N PRO A 391 -35.76 3.72 28.08
CA PRO A 391 -35.03 4.83 27.45
C PRO A 391 -33.92 5.41 28.31
N ARG A 392 -33.67 4.81 29.48
CA ARG A 392 -32.68 5.33 30.42
C ARG A 392 -31.41 5.77 29.71
N LEU A 393 -30.78 4.86 28.98
CA LEU A 393 -29.57 5.13 28.19
C LEU A 393 -28.77 6.36 28.64
N SER A 455 4.22 -7.88 39.30
CA SER A 455 3.92 -6.45 39.35
C SER A 455 3.11 -6.13 38.10
N LEU A 456 2.07 -5.33 38.26
CA LEU A 456 1.23 -4.89 37.15
C LEU A 456 1.11 -3.37 37.20
N ARG A 457 1.10 -2.74 36.03
CA ARG A 457 0.94 -1.30 35.92
C ARG A 457 -0.47 -0.98 35.43
N PRO A 458 -1.35 -0.48 36.29
CA PRO A 458 -2.77 -0.33 35.92
C PRO A 458 -3.10 0.93 35.13
N GLN A 459 -4.10 0.79 34.25
CA GLN A 459 -4.58 1.95 33.43
C GLN A 459 -5.42 2.98 34.19
N LEU A 460 -4.85 4.16 34.49
CA LEU A 460 -5.54 5.22 35.27
C LEU A 460 -6.78 5.77 34.53
N SER A 461 -6.71 6.09 33.25
CA SER A 461 -7.85 6.77 32.54
C SER A 461 -9.14 5.96 32.58
N LYS A 462 -9.12 4.69 32.16
CA LYS A 462 -10.29 3.83 32.20
C LYS A 462 -10.98 3.92 33.55
N ILE A 463 -10.19 3.93 34.63
CA ILE A 463 -10.76 4.08 35.96
C ILE A 463 -11.53 5.38 36.06
N ALA A 464 -10.94 6.48 35.58
CA ALA A 464 -11.63 7.76 35.62
C ALA A 464 -12.96 7.68 34.86
N ILE A 465 -12.93 7.15 33.64
CA ILE A 465 -14.13 7.12 32.81
C ILE A 465 -15.23 6.33 33.50
N THR A 466 -14.96 5.05 33.77
CA THR A 466 -15.99 4.20 34.35
C THR A 466 -16.43 4.66 35.73
N SER A 467 -15.53 5.32 36.47
CA SER A 467 -15.98 5.87 37.79
C SER A 467 -17.06 6.90 37.55
N LEU A 468 -16.87 7.75 36.54
CA LEU A 468 -17.89 8.74 36.18
C LEU A 468 -19.10 7.95 35.70
N GLU A 469 -20.30 8.44 35.96
CA GLU A 469 -21.47 7.70 35.42
C GLU A 469 -21.69 8.12 33.97
N PHE A 470 -20.68 8.00 33.12
CA PHE A 470 -20.94 8.22 31.67
C PHE A 470 -21.89 7.10 31.36
N SER A 471 -22.89 7.33 30.53
CA SER A 471 -23.87 6.23 30.40
C SER A 471 -23.12 4.95 30.01
N GLU A 472 -23.42 3.85 30.70
CA GLU A 472 -22.77 2.55 30.41
C GLU A 472 -23.21 2.13 29.03
N ALA A 473 -24.41 2.53 28.64
CA ALA A 473 -24.92 2.20 27.29
C ALA A 473 -24.49 3.27 26.29
N LEU A 474 -23.68 4.25 26.68
CA LEU A 474 -23.24 5.20 25.66
C LEU A 474 -22.46 4.51 24.56
N PRO A 475 -21.51 3.63 24.85
CA PRO A 475 -20.85 2.90 23.76
C PRO A 475 -21.84 2.16 22.88
N PHE A 476 -22.86 1.55 23.48
CA PHE A 476 -23.85 0.87 22.65
C PHE A 476 -24.65 1.85 21.81
N ALA A 477 -24.95 3.02 22.35
CA ALA A 477 -25.62 4.03 21.55
C ALA A 477 -24.76 4.40 20.34
N ALA A 478 -23.45 4.50 20.54
CA ALA A 478 -22.55 4.74 19.41
C ALA A 478 -22.62 3.61 18.41
N PHE A 479 -22.61 2.37 18.90
CA PHE A 479 -22.71 1.21 18.02
C PHE A 479 -24.00 1.28 17.20
N ALA A 480 -25.12 1.57 17.86
CA ALA A 480 -26.40 1.60 17.16
C ALA A 480 -26.44 2.72 16.16
N SER A 481 -25.86 3.87 16.50
CA SER A 481 -25.82 4.97 15.55
C SER A 481 -24.99 4.61 14.33
N LEU A 482 -23.89 3.88 14.53
CA LEU A 482 -23.10 3.43 13.41
C LEU A 482 -23.86 2.43 12.55
N LEU A 483 -24.60 1.53 13.19
CA LEU A 483 -25.38 0.55 12.43
C LEU A 483 -26.46 1.26 11.60
N VAL A 484 -27.09 2.28 12.17
CA VAL A 484 -28.10 3.01 11.42
C VAL A 484 -27.48 3.83 10.30
N GLU A 485 -26.29 4.39 10.53
CA GLU A 485 -25.59 5.05 9.43
C GLU A 485 -25.27 4.06 8.32
N THR A 486 -25.01 2.81 8.68
CA THR A 486 -24.86 1.76 7.69
C THR A 486 -26.15 1.60 6.87
N VAL A 487 -27.27 1.45 7.58
CA VAL A 487 -28.55 1.34 6.88
C VAL A 487 -28.73 2.50 5.91
N ALA A 488 -28.32 3.70 6.31
CA ALA A 488 -28.47 4.85 5.44
C ALA A 488 -27.55 4.76 4.23
N LYS A 489 -26.28 4.43 4.46
CA LYS A 489 -25.33 4.28 3.35
C LYS A 489 -25.82 3.25 2.35
N LEU A 490 -26.67 2.32 2.79
CA LEU A 490 -27.20 1.33 1.85
C LEU A 490 -27.87 1.99 0.66
N ASP A 491 -28.61 3.08 0.90
CA ASP A 491 -29.32 3.72 -0.21
C ASP A 491 -28.35 4.36 -1.19
N LEU A 492 -27.30 5.00 -0.68
CA LEU A 492 -26.28 5.55 -1.55
C LEU A 492 -25.67 4.47 -2.42
N VAL A 493 -25.32 3.34 -1.81
CA VAL A 493 -24.71 2.24 -2.58
C VAL A 493 -25.69 1.74 -3.62
N ILE A 494 -26.97 1.62 -3.26
CA ILE A 494 -27.97 1.14 -4.20
C ILE A 494 -28.06 2.06 -5.40
N GLU A 495 -28.10 3.37 -5.15
CA GLU A 495 -28.21 4.32 -6.25
C GLU A 495 -26.99 4.24 -7.16
N GLU A 496 -25.79 4.15 -6.56
CA GLU A 496 -24.60 4.08 -7.40
C GLU A 496 -24.57 2.80 -8.22
N VAL A 497 -24.95 1.67 -7.63
CA VAL A 497 -24.90 0.41 -8.37
C VAL A 497 -25.95 0.39 -9.47
N GLU A 498 -27.10 1.01 -9.24
CA GLU A 498 -28.11 1.05 -10.29
C GLU A 498 -27.68 1.97 -11.44
N GLU A 499 -27.05 3.11 -11.12
CA GLU A 499 -26.47 3.91 -12.18
C GLU A 499 -25.43 3.11 -12.95
N LEU A 500 -24.60 2.34 -12.23
CA LEU A 500 -23.67 1.45 -12.89
C LEU A 500 -24.37 0.56 -13.90
N GLY A 501 -25.34 -0.22 -13.42
CA GLY A 501 -26.09 -1.06 -14.32
C GLY A 501 -26.56 -0.31 -15.54
N ARG A 502 -27.29 0.78 -15.33
CA ARG A 502 -27.78 1.57 -16.45
C ARG A 502 -26.63 1.98 -17.38
N LEU A 503 -25.43 2.12 -16.84
CA LEU A 503 -24.29 2.51 -17.65
C LEU A 503 -23.80 1.35 -18.50
N ALA A 504 -23.61 0.19 -17.88
CA ALA A 504 -23.28 -1.01 -18.63
C ALA A 504 -24.53 -1.56 -19.29
N CYS A 505 -24.44 -2.73 -19.90
CA CYS A 505 -25.60 -3.31 -20.57
C CYS A 505 -26.74 -3.47 -19.56
N PHE A 506 -26.54 -4.32 -18.57
CA PHE A 506 -27.48 -4.56 -17.49
C PHE A 506 -28.94 -4.36 -17.92
N VAL B 36 -3.84 21.88 -20.17
CA VAL B 36 -2.52 21.30 -20.39
C VAL B 36 -1.42 22.33 -20.17
N MET B 37 -1.68 23.58 -20.57
CA MET B 37 -0.71 24.65 -20.34
C MET B 37 -0.18 24.63 -18.91
N ARG B 38 -1.08 24.46 -17.95
CA ARG B 38 -0.69 24.57 -16.54
C ARG B 38 -0.29 23.22 -15.94
N PHE B 39 -0.36 22.14 -16.70
CA PHE B 39 0.08 20.85 -16.17
C PHE B 39 1.56 20.83 -15.83
N PRO B 40 2.48 21.10 -16.75
CA PRO B 40 3.91 21.00 -16.42
C PRO B 40 4.35 21.95 -15.32
N ASN B 41 4.04 23.24 -15.45
CA ASN B 41 4.42 24.20 -14.42
C ASN B 41 3.83 23.81 -13.07
N LYS B 42 2.54 23.42 -13.06
CA LYS B 42 1.92 22.94 -11.83
C LYS B 42 2.72 21.81 -11.19
N ALA B 43 3.54 21.09 -11.96
CA ALA B 43 4.45 20.14 -11.35
C ALA B 43 5.36 20.85 -10.35
N TRP B 44 5.81 22.06 -10.65
CA TRP B 44 6.63 22.81 -9.67
C TRP B 44 5.99 22.83 -8.29
N GLN B 45 4.66 22.78 -8.23
CA GLN B 45 3.97 22.72 -6.91
C GLN B 45 4.05 21.30 -6.33
N THR B 46 3.91 20.25 -7.17
CA THR B 46 4.12 18.86 -6.69
C THR B 46 5.58 18.66 -6.27
N THR B 47 6.50 19.22 -7.03
CA THR B 47 7.93 19.01 -6.74
C THR B 47 8.31 19.67 -5.42
N TRP B 48 7.83 20.90 -5.15
CA TRP B 48 8.34 21.47 -3.91
C TRP B 48 7.80 20.77 -2.68
N LYS B 49 6.58 20.23 -2.77
CA LYS B 49 6.06 19.43 -1.66
C LYS B 49 7.07 18.37 -1.26
N VAL B 50 7.58 17.62 -2.24
CA VAL B 50 8.67 16.70 -1.96
C VAL B 50 9.86 17.46 -1.38
N GLY B 51 10.13 18.65 -1.90
CA GLY B 51 11.26 19.41 -1.41
C GLY B 51 11.07 19.91 0.01
N ARG B 52 9.96 20.62 0.26
CA ARG B 52 9.75 21.24 1.55
C ARG B 52 9.38 20.21 2.62
N GLU B 53 8.52 19.24 2.27
CA GLU B 53 8.18 18.20 3.22
C GLU B 53 9.41 17.59 3.86
N ASP B 54 10.45 17.37 3.06
CA ASP B 54 11.69 16.80 3.56
C ASP B 54 12.84 17.25 2.68
N PRO B 55 13.84 17.94 3.23
CA PRO B 55 14.99 18.33 2.42
C PRO B 55 15.96 17.20 2.20
N ARG B 56 15.97 16.18 3.05
CA ARG B 56 16.95 15.11 2.90
C ARG B 56 16.84 14.47 1.52
N ARG B 57 15.61 14.23 1.04
CA ARG B 57 15.44 13.62 -0.27
C ARG B 57 16.30 14.31 -1.32
N LEU B 58 16.45 15.62 -1.22
CA LEU B 58 17.38 16.31 -2.11
C LEU B 58 18.81 15.83 -1.88
N ILE B 59 19.22 15.73 -0.61
CA ILE B 59 20.58 15.29 -0.33
C ILE B 59 20.77 13.85 -0.78
N HIS B 60 19.74 13.01 -0.63
CA HIS B 60 19.86 11.62 -1.08
C HIS B 60 19.93 11.54 -2.60
N ALA B 61 19.18 12.40 -3.30
CA ALA B 61 19.26 12.41 -4.74
C ALA B 61 20.65 12.83 -5.21
N PHE B 62 21.18 13.89 -4.62
CA PHE B 62 22.54 14.27 -4.98
C PHE B 62 23.54 13.20 -4.60
N LYS B 63 23.30 12.47 -3.50
CA LYS B 63 24.13 11.31 -3.21
C LYS B 63 24.11 10.34 -4.38
N VAL B 64 22.94 9.75 -4.63
CA VAL B 64 22.84 8.73 -5.68
C VAL B 64 23.48 9.22 -6.96
N GLY B 65 23.34 10.52 -7.25
CA GLY B 65 23.95 11.04 -8.47
C GLY B 65 25.46 11.02 -8.43
N LEU B 66 26.03 11.58 -7.36
CA LEU B 66 27.49 11.60 -7.26
C LEU B 66 28.03 10.18 -7.22
N SER B 67 27.29 9.25 -6.63
CA SER B 67 27.73 7.87 -6.59
C SER B 67 27.72 7.24 -7.97
N LEU B 68 26.62 7.39 -8.70
CA LEU B 68 26.58 6.89 -10.07
C LEU B 68 27.73 7.45 -10.89
N THR B 69 27.96 8.76 -10.80
CA THR B 69 29.00 9.36 -11.62
C THR B 69 30.38 8.91 -11.19
N LEU B 70 30.66 8.84 -9.89
CA LEU B 70 31.96 8.39 -9.43
C LEU B 70 32.22 6.95 -9.84
N ALA B 71 31.19 6.11 -9.81
CA ALA B 71 31.37 4.73 -10.24
C ALA B 71 31.60 4.66 -11.73
N SER B 72 30.78 5.33 -12.53
CA SER B 72 30.95 5.29 -13.97
C SER B 72 32.29 5.87 -14.39
N LEU B 73 32.85 6.79 -13.60
CA LEU B 73 34.12 7.39 -13.97
C LEU B 73 35.23 6.36 -14.11
N LEU B 74 34.97 5.09 -13.79
CA LEU B 74 35.85 4.04 -14.27
C LEU B 74 36.07 4.16 -15.77
N TYR B 75 35.17 4.83 -16.48
CA TYR B 75 35.34 5.11 -17.90
C TYR B 75 36.77 5.51 -18.22
N LEU B 76 37.31 6.47 -17.46
CA LEU B 76 38.58 7.09 -17.85
C LEU B 76 39.76 6.49 -17.09
N LEU B 77 39.53 5.92 -15.91
CA LEU B 77 40.63 5.46 -15.08
C LEU B 77 41.19 4.11 -15.52
N GLU B 78 40.61 3.48 -16.54
CA GLU B 78 41.08 2.16 -16.96
C GLU B 78 42.58 2.11 -17.26
N PRO B 79 43.21 3.12 -17.86
CA PRO B 79 44.63 2.99 -18.23
C PRO B 79 45.49 2.45 -17.11
N LEU B 80 45.13 2.74 -15.85
CA LEU B 80 45.85 2.14 -14.69
C LEU B 80 44.86 1.35 -13.83
N PHE B 81 45.20 1.09 -12.56
CA PHE B 81 44.23 0.44 -11.64
C PHE B 81 43.76 -0.90 -12.22
N LYS B 82 44.67 -1.69 -12.82
CA LYS B 82 44.36 -3.07 -13.30
C LYS B 82 43.41 -3.14 -14.53
N GLY B 83 43.25 -2.02 -15.25
CA GLY B 83 42.45 -2.05 -16.49
C GLY B 83 41.08 -2.68 -16.37
N ILE B 84 40.30 -2.34 -15.33
CA ILE B 84 38.96 -2.95 -15.11
C ILE B 84 37.86 -2.01 -15.62
N GLY B 85 38.24 -0.92 -16.31
CA GLY B 85 37.26 0.08 -16.74
C GLY B 85 36.23 -0.39 -17.76
N GLN B 86 36.48 -1.52 -18.41
CA GLN B 86 35.56 -2.03 -19.46
C GLN B 86 34.20 -2.39 -18.87
N SER B 87 34.17 -2.90 -17.64
CA SER B 87 32.90 -3.39 -17.03
C SER B 87 32.25 -2.30 -16.19
N ALA B 88 32.76 -1.08 -16.25
CA ALA B 88 32.26 0.03 -15.41
C ALA B 88 30.73 -0.02 -15.30
N ILE B 89 30.02 -0.30 -16.38
CA ILE B 89 28.54 -0.22 -16.33
C ILE B 89 28.06 -0.89 -15.05
N TRP B 90 28.59 -2.06 -14.71
CA TRP B 90 28.11 -2.86 -13.60
C TRP B 90 28.22 -2.11 -12.28
N ALA B 91 29.27 -1.31 -12.10
CA ALA B 91 29.34 -0.48 -10.91
C ALA B 91 28.15 0.45 -10.83
N VAL B 92 27.81 1.07 -11.96
CA VAL B 92 26.68 1.99 -11.99
C VAL B 92 25.40 1.25 -11.65
N MET B 93 25.19 0.09 -12.26
CA MET B 93 23.99 -0.68 -11.98
C MET B 93 23.94 -1.09 -10.50
N THR B 94 25.10 -1.42 -9.93
CA THR B 94 25.13 -1.77 -8.52
C THR B 94 24.71 -0.61 -7.66
N VAL B 95 25.20 0.59 -7.97
CA VAL B 95 24.80 1.75 -7.19
C VAL B 95 23.31 2.00 -7.38
N VAL B 96 22.77 1.69 -8.56
CA VAL B 96 21.36 1.96 -8.81
C VAL B 96 20.47 0.94 -8.09
N VAL B 97 20.99 -0.25 -7.83
CA VAL B 97 20.16 -1.27 -7.21
C VAL B 97 20.32 -1.33 -5.69
N VAL B 98 21.54 -1.17 -5.18
CA VAL B 98 21.79 -1.33 -3.75
C VAL B 98 21.47 -0.06 -2.98
N LEU B 99 21.85 1.10 -3.49
CA LEU B 99 21.69 2.33 -2.74
C LEU B 99 20.22 2.64 -2.49
N GLU B 100 19.86 2.75 -1.22
CA GLU B 100 18.49 3.06 -0.83
C GLU B 100 18.52 4.30 0.05
N PHE B 101 17.35 4.93 0.19
CA PHE B 101 17.30 6.23 0.85
C PHE B 101 17.76 6.16 2.30
N THR B 102 17.34 5.13 3.03
CA THR B 102 17.67 5.01 4.44
C THR B 102 18.91 4.13 4.57
N ALA B 103 20.00 4.71 5.07
CA ALA B 103 21.28 4.02 5.11
C ALA B 103 21.15 2.61 5.66
N GLY B 104 20.14 2.36 6.48
CA GLY B 104 19.87 0.99 6.89
C GLY B 104 19.28 0.17 5.76
N ALA B 105 18.29 0.74 5.06
CA ALA B 105 17.65 0.00 3.98
C ALA B 105 18.66 -0.39 2.91
N THR B 106 19.57 0.50 2.57
CA THR B 106 20.59 0.19 1.57
C THR B 106 21.57 -0.86 2.05
N LEU B 107 21.38 -1.39 3.24
CA LEU B 107 22.17 -2.50 3.75
C LEU B 107 21.32 -3.76 3.92
N CYS B 108 20.11 -3.61 4.44
CA CYS B 108 19.18 -4.74 4.48
C CYS B 108 18.88 -5.35 3.12
N LYS B 109 18.22 -4.58 2.25
CA LYS B 109 18.03 -5.02 0.88
C LYS B 109 19.33 -5.26 0.13
N GLY B 110 20.41 -4.61 0.58
CA GLY B 110 21.70 -4.82 -0.04
C GLY B 110 22.04 -6.28 0.14
N LEU B 111 22.16 -6.71 1.39
CA LEU B 111 22.44 -8.12 1.66
C LEU B 111 21.36 -9.03 1.09
N ASN B 112 20.11 -8.58 1.08
CA ASN B 112 19.04 -9.45 0.59
C ASN B 112 19.18 -9.64 -0.92
N ARG B 113 19.35 -8.55 -1.67
CA ARG B 113 19.57 -8.69 -3.11
C ARG B 113 20.86 -9.46 -3.40
N GLY B 114 21.88 -9.30 -2.56
CA GLY B 114 23.10 -10.06 -2.77
C GLY B 114 23.03 -11.57 -2.72
N LEU B 115 22.47 -12.11 -1.65
CA LEU B 115 22.22 -13.55 -1.60
C LEU B 115 21.20 -14.06 -2.61
N GLY B 116 20.25 -13.18 -2.96
CA GLY B 116 19.26 -13.54 -3.96
C GLY B 116 20.03 -13.76 -5.25
N THR B 117 20.86 -12.78 -5.62
CA THR B 117 21.62 -12.91 -6.86
C THR B 117 22.66 -14.02 -6.77
N LEU B 118 23.24 -14.24 -5.59
CA LEU B 118 24.19 -15.33 -5.45
C LEU B 118 23.50 -16.67 -5.57
N LEU B 119 22.33 -16.81 -4.94
CA LEU B 119 21.56 -18.05 -5.06
C LEU B 119 21.14 -18.29 -6.51
N ALA B 120 20.66 -17.24 -7.18
CA ALA B 120 20.26 -17.38 -8.56
C ALA B 120 21.45 -17.75 -9.44
N GLY B 121 22.61 -17.14 -9.19
CA GLY B 121 23.78 -17.48 -9.95
C GLY B 121 24.22 -18.91 -9.72
N LEU B 122 24.13 -19.39 -8.48
CA LEU B 122 24.48 -20.77 -8.19
C LEU B 122 23.53 -21.71 -8.91
N LEU B 123 22.23 -21.46 -8.84
CA LEU B 123 21.27 -22.30 -9.55
C LEU B 123 21.54 -22.27 -11.04
N ALA B 124 21.89 -21.11 -11.59
CA ALA B 124 22.14 -21.00 -13.02
C ALA B 124 23.39 -21.75 -13.41
N PHE B 125 24.47 -21.60 -12.65
CA PHE B 125 25.68 -22.37 -12.93
C PHE B 125 25.41 -23.86 -12.85
N LEU B 126 24.56 -24.27 -11.91
CA LEU B 126 24.22 -25.68 -11.82
C LEU B 126 23.50 -26.15 -13.08
N VAL B 127 22.42 -25.45 -13.45
CA VAL B 127 21.69 -25.83 -14.64
C VAL B 127 22.54 -25.74 -15.89
N GLY B 128 23.58 -24.91 -15.88
CA GLY B 128 24.44 -24.81 -17.05
C GLY B 128 25.45 -25.94 -17.11
N TYR B 129 26.02 -26.31 -15.96
CA TYR B 129 26.93 -27.45 -15.94
C TYR B 129 26.17 -28.74 -16.29
N ILE B 130 25.01 -28.95 -15.68
CA ILE B 130 24.16 -30.05 -16.12
C ILE B 130 23.83 -29.87 -17.59
N ALA B 131 23.64 -28.63 -18.02
CA ALA B 131 23.59 -28.34 -19.45
C ALA B 131 24.98 -28.48 -20.04
N ASN B 132 25.04 -28.48 -21.37
CA ASN B 132 26.33 -28.59 -22.05
C ASN B 132 27.00 -29.92 -21.72
N ALA B 133 26.28 -30.80 -21.03
CA ALA B 133 26.79 -32.11 -20.64
C ALA B 133 26.29 -33.21 -21.55
N SER B 134 25.01 -33.22 -21.88
CA SER B 134 24.42 -34.18 -22.79
C SER B 134 24.59 -33.57 -24.19
N ASP B 135 24.02 -34.24 -25.18
CA ASP B 135 24.16 -33.73 -26.56
C ASP B 135 23.35 -32.46 -26.79
N ARG B 136 23.31 -31.97 -28.03
CA ARG B 136 22.65 -30.68 -28.35
C ARG B 136 21.17 -30.66 -27.94
N VAL B 137 20.34 -31.52 -28.49
CA VAL B 137 18.93 -31.47 -28.16
C VAL B 137 18.73 -31.76 -26.68
N SER B 138 19.60 -32.58 -26.10
CA SER B 138 19.51 -32.84 -24.67
C SER B 138 19.72 -31.57 -23.87
N GLN B 139 20.82 -30.85 -24.14
CA GLN B 139 21.04 -29.59 -23.45
C GLN B 139 19.94 -28.58 -23.70
N ALA B 140 19.38 -28.55 -24.91
CA ALA B 140 18.28 -27.64 -25.19
C ALA B 140 17.08 -27.96 -24.31
N ILE B 141 16.71 -29.24 -24.23
CA ILE B 141 15.55 -29.61 -23.43
C ILE B 141 15.78 -29.28 -21.96
N ILE B 142 17.00 -29.53 -21.47
CA ILE B 142 17.27 -29.26 -20.06
C ILE B 142 17.21 -27.77 -19.77
N ILE B 143 17.86 -26.97 -20.62
CA ILE B 143 17.84 -25.52 -20.43
C ILE B 143 16.42 -24.99 -20.50
N GLY B 144 15.64 -25.47 -21.47
CA GLY B 144 14.27 -24.99 -21.59
C GLY B 144 13.43 -25.36 -20.40
N ALA B 145 13.49 -26.63 -19.98
CA ALA B 145 12.73 -27.04 -18.82
C ALA B 145 13.15 -26.27 -17.59
N ALA B 146 14.45 -26.04 -17.42
CA ALA B 146 14.92 -25.31 -16.25
C ALA B 146 14.40 -23.88 -16.27
N VAL B 147 14.58 -23.17 -17.37
CA VAL B 147 14.10 -21.79 -17.45
C VAL B 147 12.60 -21.75 -17.20
N PHE B 148 11.86 -22.69 -17.78
CA PHE B 148 10.41 -22.67 -17.62
C PHE B 148 10.02 -22.92 -16.18
N PHE B 149 10.31 -24.11 -15.67
CA PHE B 149 10.11 -24.42 -14.27
C PHE B 149 10.45 -23.24 -13.37
N ILE B 150 11.62 -22.63 -13.59
CA ILE B 150 12.07 -21.55 -12.73
C ILE B 150 11.14 -20.35 -12.85
N GLY B 151 10.81 -19.96 -14.08
CA GLY B 151 9.94 -18.80 -14.25
C GLY B 151 8.55 -19.02 -13.68
N ALA B 152 8.00 -20.22 -13.91
CA ALA B 152 6.75 -20.58 -13.25
C ALA B 152 6.85 -20.32 -11.76
N LEU B 153 7.80 -21.00 -11.11
CA LEU B 153 7.98 -20.80 -9.67
C LEU B 153 8.16 -19.34 -9.32
N ALA B 154 8.86 -18.59 -10.18
CA ALA B 154 9.24 -17.23 -9.84
C ALA B 154 8.03 -16.31 -9.83
N THR B 155 7.27 -16.31 -10.92
CA THR B 155 6.04 -15.51 -10.94
C THR B 155 5.07 -15.98 -9.86
N TYR B 156 4.97 -17.30 -9.64
CA TYR B 156 4.12 -17.78 -8.57
C TYR B 156 4.50 -17.12 -7.25
N MET B 157 5.75 -17.28 -6.82
CA MET B 157 6.21 -16.64 -5.61
C MET B 157 5.95 -15.14 -5.65
N ARG B 158 6.07 -14.53 -6.82
CA ARG B 158 5.73 -13.12 -6.97
C ARG B 158 4.30 -12.85 -6.54
N PHE B 159 3.41 -13.82 -6.76
CA PHE B 159 2.02 -13.63 -6.33
C PHE B 159 1.87 -13.70 -4.82
N ILE B 160 2.69 -14.50 -4.14
CA ILE B 160 2.60 -14.63 -2.68
C ILE B 160 2.76 -13.25 -2.04
N PRO B 161 1.78 -12.72 -1.25
CA PRO B 161 1.94 -11.35 -0.75
C PRO B 161 2.92 -11.22 0.42
N TYR B 162 3.66 -12.27 0.74
CA TYR B 162 4.72 -12.08 1.75
C TYR B 162 5.90 -11.42 1.04
N ILE B 163 6.19 -11.84 -0.20
CA ILE B 163 7.38 -11.33 -0.94
C ILE B 163 6.93 -10.54 -2.16
N LYS B 164 5.70 -10.01 -2.16
CA LYS B 164 5.30 -9.11 -3.29
C LYS B 164 5.66 -7.64 -3.06
N LYS B 165 5.33 -7.07 -1.89
CA LYS B 165 5.73 -5.67 -1.54
C LYS B 165 7.17 -5.53 -1.00
N ASN B 166 7.64 -6.55 -0.28
CA ASN B 166 9.02 -6.55 0.28
C ASN B 166 9.68 -7.83 -0.23
N TYR B 167 10.98 -7.83 -0.48
CA TYR B 167 11.64 -9.02 -1.09
C TYR B 167 11.03 -9.27 -2.48
N ASP B 168 10.33 -8.27 -3.02
CA ASP B 168 9.83 -8.41 -4.43
C ASP B 168 11.06 -8.42 -5.31
N TYR B 169 12.04 -7.60 -4.95
CA TYR B 169 13.33 -7.59 -5.68
C TYR B 169 13.96 -8.98 -5.54
N GLY B 170 13.58 -9.72 -4.50
CA GLY B 170 14.09 -11.07 -4.28
C GLY B 170 13.74 -11.97 -5.46
N LEU B 171 12.59 -11.79 -6.11
CA LEU B 171 12.29 -12.62 -7.31
C LEU B 171 12.46 -11.85 -8.62
N VAL B 172 12.37 -10.53 -8.61
CA VAL B 172 12.58 -9.87 -9.93
C VAL B 172 14.05 -10.05 -10.28
N ILE B 173 14.94 -9.78 -9.32
CA ILE B 173 16.39 -9.99 -9.54
C ILE B 173 16.66 -11.48 -9.75
N PHE B 174 16.14 -12.35 -8.89
CA PHE B 174 16.34 -13.78 -9.07
C PHE B 174 16.17 -14.17 -10.53
N LEU B 175 15.02 -13.87 -11.10
CA LEU B 175 14.71 -14.33 -12.45
C LEU B 175 15.63 -13.69 -13.47
N LEU B 176 15.86 -12.39 -13.36
CA LEU B 176 16.72 -11.71 -14.32
C LEU B 176 18.13 -12.28 -14.30
N THR B 177 18.72 -12.41 -13.11
CA THR B 177 20.05 -12.97 -13.00
C THR B 177 20.09 -14.39 -13.54
N PHE B 178 19.08 -15.20 -13.21
CA PHE B 178 19.11 -16.59 -13.64
C PHE B 178 19.07 -16.71 -15.16
N ASN B 179 18.22 -15.91 -15.80
CA ASN B 179 18.16 -15.98 -17.26
C ASN B 179 19.45 -15.43 -17.88
N LEU B 180 19.98 -14.34 -17.32
CA LEU B 180 21.19 -13.75 -17.88
C LEU B 180 22.39 -14.66 -17.68
N ILE B 181 22.32 -15.58 -16.73
CA ILE B 181 23.37 -16.56 -16.57
C ILE B 181 23.13 -17.80 -17.43
N THR B 182 21.87 -18.19 -17.62
CA THR B 182 21.59 -19.29 -18.53
C THR B 182 21.99 -18.94 -19.96
N VAL B 183 21.90 -17.66 -20.33
CA VAL B 183 22.36 -17.26 -21.65
C VAL B 183 23.88 -17.30 -21.75
N SER B 184 24.59 -17.01 -20.67
CA SER B 184 26.03 -17.19 -20.66
C SER B 184 26.49 -18.65 -20.72
N SER B 185 25.69 -19.56 -20.17
CA SER B 185 25.99 -20.98 -20.24
C SER B 185 26.35 -21.43 -21.65
N TYR B 186 25.53 -21.05 -22.63
CA TYR B 186 25.74 -21.52 -24.00
C TYR B 186 27.08 -21.01 -24.51
N ARG B 187 27.44 -19.77 -24.20
CA ARG B 187 28.57 -19.13 -24.87
C ARG B 187 29.89 -19.84 -24.61
N LEU B 188 30.31 -19.89 -23.35
CA LEU B 188 31.65 -20.37 -23.03
C LEU B 188 31.78 -20.43 -21.51
N GLU B 189 32.83 -21.12 -21.05
CA GLU B 189 33.12 -21.18 -19.62
C GLU B 189 34.16 -20.16 -19.17
N ASN B 190 34.97 -19.63 -20.08
CA ASN B 190 35.81 -18.49 -19.72
C ASN B 190 34.97 -17.34 -19.17
N VAL B 191 33.67 -17.35 -19.48
CA VAL B 191 32.77 -16.34 -18.93
C VAL B 191 32.82 -16.36 -17.40
N LEU B 192 32.99 -17.55 -16.82
CA LEU B 192 33.14 -17.63 -15.37
C LEU B 192 34.39 -16.89 -14.92
N LYS B 193 35.49 -17.05 -15.65
CA LYS B 193 36.71 -16.30 -15.37
C LYS B 193 36.43 -14.80 -15.39
N ILE B 194 35.88 -14.32 -16.50
CA ILE B 194 35.63 -12.89 -16.64
C ILE B 194 34.66 -12.39 -15.57
N ALA B 195 33.74 -13.25 -15.14
CA ALA B 195 32.77 -12.85 -14.12
C ALA B 195 33.43 -12.71 -12.76
N HIS B 196 34.24 -13.69 -12.37
CA HIS B 196 34.97 -13.54 -11.12
C HIS B 196 36.04 -12.46 -11.21
N ASP B 197 36.36 -11.98 -12.41
CA ASP B 197 37.19 -10.80 -12.54
C ASP B 197 36.39 -9.53 -12.29
N ARG B 198 35.30 -9.35 -13.02
CA ARG B 198 34.42 -8.18 -12.93
C ARG B 198 33.70 -8.09 -11.60
N VAL B 199 33.79 -9.15 -10.80
CA VAL B 199 33.30 -9.07 -9.43
C VAL B 199 34.06 -7.98 -8.67
N TYR B 200 35.34 -7.79 -9.00
CA TYR B 200 36.09 -6.72 -8.35
C TYR B 200 35.50 -5.33 -8.56
N THR B 201 35.04 -5.01 -9.77
CA THR B 201 34.42 -3.72 -10.01
C THR B 201 32.99 -3.63 -9.53
N ILE B 202 32.24 -4.73 -9.58
CA ILE B 202 30.94 -4.72 -8.91
C ILE B 202 31.18 -4.44 -7.44
N ALA B 203 32.33 -4.86 -6.92
CA ALA B 203 32.67 -4.56 -5.53
C ALA B 203 33.00 -3.09 -5.34
N ILE B 204 33.68 -2.46 -6.31
CA ILE B 204 33.89 -1.03 -6.22
C ILE B 204 32.57 -0.29 -6.19
N GLY B 205 31.63 -0.74 -7.03
CA GLY B 205 30.30 -0.14 -6.99
C GLY B 205 29.62 -0.31 -5.64
N CYS B 206 29.66 -1.53 -5.10
CA CYS B 206 29.05 -1.77 -3.79
C CYS B 206 29.71 -0.93 -2.70
N ALA B 207 31.03 -0.75 -2.78
CA ALA B 207 31.72 0.05 -1.78
C ALA B 207 31.34 1.52 -1.87
N VAL B 208 31.25 2.06 -3.08
CA VAL B 208 30.77 3.43 -3.23
C VAL B 208 29.36 3.56 -2.67
N CYS B 209 28.52 2.56 -2.90
CA CYS B 209 27.16 2.60 -2.33
C CYS B 209 27.25 2.63 -0.82
N LEU B 210 27.98 1.69 -0.23
CA LEU B 210 28.08 1.62 1.22
C LEU B 210 28.58 2.93 1.79
N LEU B 211 29.64 3.49 1.21
CA LEU B 211 30.21 4.74 1.72
C LEU B 211 29.25 5.91 1.58
N MET B 212 28.81 6.20 0.35
CA MET B 212 27.89 7.30 0.10
C MET B 212 26.54 7.11 0.77
N SER B 213 26.33 5.98 1.45
CA SER B 213 25.09 5.78 2.20
C SER B 213 25.31 5.85 3.69
N LEU B 214 26.50 5.49 4.18
CA LEU B 214 26.70 5.48 5.62
C LEU B 214 27.52 6.66 6.15
N LEU B 215 28.46 7.20 5.38
CA LEU B 215 29.42 8.13 5.95
C LEU B 215 29.49 9.47 5.22
N VAL B 216 28.43 9.89 4.54
CA VAL B 216 28.39 11.18 3.86
C VAL B 216 27.34 12.10 4.48
N PHE B 217 26.06 11.72 4.37
CA PHE B 217 24.98 12.40 5.07
C PHE B 217 23.90 11.38 5.34
N PRO B 218 24.24 10.33 6.09
CA PRO B 218 23.37 9.16 6.17
C PRO B 218 21.99 9.54 6.67
N ASN B 219 21.01 8.76 6.24
CA ASN B 219 19.65 8.87 6.75
C ASN B 219 19.40 7.58 7.52
N TRP B 220 19.86 7.55 8.77
CA TRP B 220 19.72 6.36 9.59
C TRP B 220 18.25 6.04 9.78
N SER B 221 17.80 4.91 9.21
CA SER B 221 16.39 4.57 9.29
C SER B 221 15.92 4.56 10.74
N GLY B 222 16.60 3.81 11.60
CA GLY B 222 16.49 4.08 13.02
C GLY B 222 16.86 5.52 13.31
N GLU B 223 16.02 6.21 14.08
CA GLU B 223 15.97 7.66 14.17
C GLU B 223 15.23 8.24 12.97
N ASP B 224 14.70 7.41 12.08
CA ASP B 224 13.64 7.81 11.18
C ASP B 224 12.35 7.13 11.61
N LEU B 225 12.44 6.07 12.40
CA LEU B 225 11.32 5.54 13.16
C LEU B 225 11.30 6.11 14.57
N HIS B 226 12.27 6.97 14.89
CA HIS B 226 12.27 7.77 16.10
C HIS B 226 11.63 9.11 15.85
N ASN B 227 11.40 9.47 14.59
CA ASN B 227 10.67 10.67 14.23
C ASN B 227 9.33 10.38 13.57
N SER B 228 9.17 9.22 12.94
CA SER B 228 7.85 8.84 12.46
C SER B 228 6.85 8.80 13.60
N THR B 229 7.30 8.38 14.79
CA THR B 229 6.40 8.35 15.93
C THR B 229 5.97 9.75 16.33
N VAL B 230 6.92 10.69 16.45
CA VAL B 230 6.52 12.03 16.83
C VAL B 230 5.63 12.64 15.78
N TYR B 231 5.88 12.35 14.50
CA TYR B 231 4.98 12.85 13.47
C TYR B 231 3.58 12.29 13.64
N LYS B 232 3.48 10.98 13.87
CA LYS B 232 2.16 10.39 14.09
C LYS B 232 1.45 11.06 15.24
N LEU B 233 2.13 11.25 16.36
CA LEU B 233 1.47 11.82 17.53
C LEU B 233 1.05 13.27 17.27
N GLU B 234 1.95 14.08 16.73
CA GLU B 234 1.61 15.47 16.43
C GLU B 234 0.42 15.53 15.49
N GLY B 235 0.49 14.80 14.38
CA GLY B 235 -0.60 14.83 13.42
C GLY B 235 -1.90 14.30 13.97
N LEU B 236 -1.82 13.34 14.90
CA LEU B 236 -3.04 12.76 15.46
C LEU B 236 -3.70 13.74 16.42
N ALA B 237 -2.90 14.46 17.20
CA ALA B 237 -3.45 15.55 18.00
C ALA B 237 -4.10 16.59 17.11
N LYS B 238 -3.40 17.01 16.06
CA LYS B 238 -3.99 17.94 15.11
C LYS B 238 -5.30 17.39 14.57
N SER B 239 -5.35 16.08 14.29
CA SER B 239 -6.54 15.49 13.67
C SER B 239 -7.71 15.49 14.63
N ILE B 240 -7.48 15.17 15.90
CA ILE B 240 -8.56 15.20 16.86
C ILE B 240 -9.08 16.62 17.05
N GLU B 241 -8.18 17.58 17.19
CA GLU B 241 -8.62 18.97 17.33
C GLU B 241 -9.43 19.40 16.11
N ALA B 242 -8.91 19.14 14.91
CA ALA B 242 -9.59 19.56 13.70
C ALA B 242 -10.91 18.83 13.51
N CYS B 243 -11.00 17.58 13.95
CA CYS B 243 -12.26 16.85 13.82
C CYS B 243 -13.31 17.43 14.75
N VAL B 244 -12.98 17.55 16.03
CA VAL B 244 -13.95 18.11 16.97
C VAL B 244 -14.32 19.53 16.58
N ASN B 245 -13.47 20.22 15.83
CA ASN B 245 -13.86 21.54 15.35
C ASN B 245 -14.80 21.46 14.15
N GLU B 246 -14.43 20.75 13.09
CA GLU B 246 -15.32 20.76 11.88
C GLU B 246 -16.67 20.14 12.18
N TYR B 247 -16.80 19.48 13.31
CA TYR B 247 -18.15 19.00 13.61
C TYR B 247 -18.81 20.13 14.36
N PHE B 248 -18.30 20.52 15.52
CA PHE B 248 -19.03 21.51 16.37
C PHE B 248 -19.18 22.88 15.73
N TYR B 249 -18.13 23.49 15.18
CA TYR B 249 -18.28 24.75 14.40
C TYR B 249 -18.35 24.28 12.97
N GLY B 250 -19.43 23.63 12.63
CA GLY B 250 -19.44 22.97 11.32
C GLY B 250 -19.21 23.93 10.20
N GLU B 251 -18.45 23.52 9.20
CA GLU B 251 -18.31 24.35 7.98
C GLU B 251 -19.74 24.61 7.53
N ILE B 252 -20.43 23.52 7.17
CA ILE B 252 -21.89 23.51 6.83
C ILE B 252 -22.22 22.06 7.20
N GLU B 253 -23.33 21.79 7.88
CA GLU B 253 -23.58 20.41 8.39
C GLU B 253 -23.69 19.33 7.31
N GLY B 254 -24.42 19.55 6.21
CA GLY B 254 -24.69 18.50 5.19
C GLY B 254 -23.47 17.71 4.73
N SER B 255 -23.55 16.36 4.71
CA SER B 255 -22.42 15.56 4.17
C SER B 255 -22.67 15.18 2.71
N GLY B 256 -21.62 14.76 2.02
CA GLY B 256 -21.74 14.45 0.58
C GLY B 256 -20.98 15.50 -0.20
N TYR B 257 -19.95 16.08 0.43
CA TYR B 257 -19.11 17.10 -0.28
C TYR B 257 -17.98 16.57 -1.17
N MET B 258 -17.20 15.55 -0.76
CA MET B 258 -16.00 15.09 -1.48
C MET B 258 -15.38 13.83 -0.88
N LYS B 259 -14.23 13.36 -1.39
CA LYS B 259 -13.51 12.23 -0.73
C LYS B 259 -12.67 12.64 0.48
N LEU B 260 -12.51 11.76 1.45
CA LEU B 260 -11.81 12.13 2.72
C LEU B 260 -10.45 12.71 2.39
N SER B 261 -9.88 12.35 1.24
CA SER B 261 -8.47 12.71 0.93
C SER B 261 -8.20 14.21 0.93
N GLU B 262 -9.09 15.01 0.37
CA GLU B 262 -8.76 16.45 0.21
C GLU B 262 -8.53 17.14 1.56
N ASP B 263 -9.34 16.85 2.58
CA ASP B 263 -9.22 17.59 3.88
C ASP B 263 -7.95 17.18 4.64
N PRO B 264 -7.16 18.13 5.20
CA PRO B 264 -5.88 17.85 5.87
C PRO B 264 -6.04 16.89 7.06
N ILE B 265 -7.27 16.64 7.47
CA ILE B 265 -7.57 15.67 8.51
C ILE B 265 -7.20 14.26 8.06
N TYR B 266 -7.59 13.89 6.84
CA TYR B 266 -7.15 12.63 6.28
C TYR B 266 -5.64 12.70 6.12
N LYS B 267 -5.10 13.86 5.74
CA LYS B 267 -3.64 13.99 5.68
C LYS B 267 -3.00 13.53 7.00
N GLY B 268 -3.72 13.74 8.09
CA GLY B 268 -3.20 13.37 9.40
C GLY B 268 -3.40 11.94 9.86
N TYR B 269 -4.60 11.39 9.64
CA TYR B 269 -4.89 10.09 10.25
C TYR B 269 -4.77 8.93 9.26
N LYS B 270 -4.58 9.20 7.96
CA LYS B 270 -4.32 8.10 7.03
C LYS B 270 -2.97 7.47 7.31
N ALA B 271 -2.00 8.27 7.77
CA ALA B 271 -0.75 7.69 8.24
C ALA B 271 -1.04 6.60 9.27
N VAL B 272 -1.60 6.99 10.41
CA VAL B 272 -1.90 6.01 11.45
C VAL B 272 -2.78 4.90 10.89
N LEU B 273 -3.48 5.17 9.80
CA LEU B 273 -4.21 4.11 9.11
C LEU B 273 -3.27 3.05 8.57
N ASP B 274 -2.29 3.45 7.76
CA ASP B 274 -1.58 2.50 6.90
C ASP B 274 -0.10 2.35 7.25
N SER B 275 0.35 2.93 8.33
CA SER B 275 1.77 2.90 8.66
C SER B 275 2.24 1.56 9.16
N LYS B 276 1.45 0.50 9.13
CA LYS B 276 1.92 -0.79 9.67
C LYS B 276 3.18 -1.23 8.95
N SER B 277 3.10 -1.42 7.64
CA SER B 277 4.26 -1.88 6.88
C SER B 277 5.41 -0.90 6.98
N ILE B 278 5.11 0.40 6.93
CA ILE B 278 6.17 1.41 7.00
C ILE B 278 6.97 1.25 8.29
N ASP B 279 6.28 1.26 9.43
CA ASP B 279 6.97 1.13 10.71
C ASP B 279 7.67 -0.22 10.81
N GLU B 280 7.06 -1.28 10.27
CA GLU B 280 7.69 -2.59 10.37
C GLU B 280 9.02 -2.62 9.65
N THR B 281 9.03 -2.21 8.38
CA THR B 281 10.28 -2.21 7.62
C THR B 281 11.27 -1.24 8.22
N LEU B 282 10.80 -0.12 8.78
CA LEU B 282 11.71 0.81 9.42
C LEU B 282 12.39 0.17 10.62
N ALA B 283 11.62 -0.46 11.49
CA ALA B 283 12.22 -1.12 12.64
C ALA B 283 13.21 -2.18 12.19
N LEU B 284 12.85 -2.94 11.15
CA LEU B 284 13.78 -3.92 10.62
C LEU B 284 15.10 -3.27 10.25
N HIS B 285 15.06 -2.38 9.25
CA HIS B 285 16.27 -1.73 8.79
C HIS B 285 17.06 -1.15 9.96
N ALA B 286 16.38 -0.53 10.92
CA ALA B 286 17.08 0.08 12.03
C ALA B 286 17.82 -0.95 12.85
N SER B 287 17.10 -1.96 13.35
CA SER B 287 17.78 -3.08 13.99
C SER B 287 18.94 -3.57 13.16
N TRP B 288 18.87 -3.35 11.85
CA TRP B 288 19.87 -3.82 10.91
C TRP B 288 20.90 -2.74 10.57
N GLU B 289 20.96 -1.66 11.38
CA GLU B 289 21.88 -0.55 11.23
C GLU B 289 23.04 -0.66 12.22
N PRO B 290 24.21 -0.18 11.85
CA PRO B 290 25.42 -0.52 12.61
C PRO B 290 25.65 0.37 13.81
N ARG B 291 25.21 1.62 13.76
CA ARG B 291 25.60 2.59 14.76
C ARG B 291 25.05 2.22 16.12
N HIS B 292 25.94 2.04 17.09
CA HIS B 292 25.56 1.91 18.49
C HIS B 292 26.05 3.09 19.32
N SER B 293 26.49 4.17 18.68
CA SER B 293 26.89 5.37 19.40
C SER B 293 25.71 6.02 20.11
N ARG B 294 24.52 5.45 19.99
CA ARG B 294 23.35 5.95 20.70
C ARG B 294 23.62 6.13 22.18
N TYR B 295 24.63 5.46 22.73
CA TYR B 295 24.79 5.32 24.17
C TYR B 295 23.46 4.93 24.80
N CYS B 296 22.73 4.07 24.10
CA CYS B 296 21.46 3.53 24.56
C CYS B 296 21.69 2.08 24.94
N HIS B 297 21.46 1.76 26.22
CA HIS B 297 21.80 0.46 26.79
C HIS B 297 21.40 -0.69 25.87
N ARG B 298 20.23 -0.58 25.24
CA ARG B 298 19.72 -1.64 24.39
C ARG B 298 18.91 -1.03 23.25
N PHE B 299 19.34 -1.28 22.02
CA PHE B 299 18.69 -0.64 20.88
C PHE B 299 17.25 -1.13 20.75
N PRO B 300 16.28 -0.33 21.17
CA PRO B 300 14.90 -0.83 21.27
C PRO B 300 14.04 -0.55 20.05
N TRP B 301 14.48 -0.94 18.85
CA TRP B 301 13.73 -0.52 17.69
C TRP B 301 12.52 -1.42 17.43
N GLN B 302 12.07 -2.15 18.45
CA GLN B 302 10.76 -2.80 18.35
C GLN B 302 9.70 -2.06 19.16
N GLN B 303 10.09 -1.49 20.29
CA GLN B 303 9.15 -0.73 21.10
C GLN B 303 8.51 0.38 20.28
N TYR B 304 9.27 0.97 19.35
CA TYR B 304 8.67 1.97 18.48
C TYR B 304 7.55 1.35 17.66
N VAL B 305 7.67 0.08 17.28
CA VAL B 305 6.57 -0.54 16.56
C VAL B 305 5.41 -0.80 17.51
N LYS B 306 5.68 -1.13 18.77
CA LYS B 306 4.60 -1.20 19.75
C LYS B 306 3.82 0.10 19.77
N VAL B 307 4.54 1.22 19.88
CA VAL B 307 3.89 2.52 19.94
C VAL B 307 3.16 2.81 18.64
N GLY B 308 3.72 2.40 17.52
CA GLY B 308 3.04 2.56 16.25
C GLY B 308 1.72 1.79 16.20
N ALA B 309 1.68 0.63 16.83
CA ALA B 309 0.44 -0.14 16.86
C ALA B 309 -0.59 0.53 17.75
N VAL B 310 -0.17 0.98 18.93
CA VAL B 310 -1.09 1.72 19.79
C VAL B 310 -1.65 2.93 19.05
N LEU B 311 -0.79 3.63 18.32
CA LEU B 311 -1.26 4.77 17.53
C LEU B 311 -2.16 4.33 16.40
N ARG B 312 -1.93 3.15 15.81
CA ARG B 312 -2.83 2.65 14.79
C ARG B 312 -4.22 2.47 15.35
N GLN B 313 -4.32 1.94 16.56
CA GLN B 313 -5.63 1.76 17.18
C GLN B 313 -6.28 3.11 17.48
N PHE B 314 -5.51 4.02 18.08
CA PHE B 314 -6.02 5.37 18.32
C PHE B 314 -6.48 6.01 17.01
N GLY B 315 -5.79 5.74 15.92
CA GLY B 315 -6.15 6.31 14.64
C GLY B 315 -7.39 5.68 14.04
N TYR B 316 -7.57 4.38 14.25
CA TYR B 316 -8.86 3.78 13.90
C TYR B 316 -9.99 4.52 14.62
N THR B 317 -9.78 4.85 15.90
CA THR B 317 -10.80 5.61 16.61
C THR B 317 -11.01 6.98 15.98
N VAL B 318 -9.93 7.68 15.66
CA VAL B 318 -10.08 9.02 15.07
C VAL B 318 -10.76 8.93 13.70
N VAL B 319 -10.51 7.85 12.97
CA VAL B 319 -11.20 7.65 11.70
C VAL B 319 -12.68 7.42 11.93
N ALA B 320 -13.02 6.66 12.97
CA ALA B 320 -14.42 6.55 13.35
C ALA B 320 -15.01 7.93 13.57
N LEU B 321 -14.27 8.81 14.26
CA LEU B 321 -14.74 10.19 14.45
C LEU B 321 -15.02 10.87 13.11
N HIS B 322 -14.00 10.95 12.26
CA HIS B 322 -14.18 11.68 11.00
C HIS B 322 -15.33 11.11 10.20
N GLY B 323 -15.53 9.80 10.26
CA GLY B 323 -16.75 9.24 9.71
C GLY B 323 -17.98 9.82 10.38
N CYS B 324 -17.95 9.92 11.71
CA CYS B 324 -19.11 10.38 12.44
C CYS B 324 -19.46 11.82 12.10
N LEU B 325 -18.52 12.57 11.52
CA LEU B 325 -18.85 13.92 11.11
C LEU B 325 -19.28 14.01 9.65
N ARG B 326 -19.30 12.90 8.93
CA ARG B 326 -19.70 12.90 7.52
C ARG B 326 -20.83 11.91 7.26
N THR B 327 -21.63 11.61 8.27
CA THR B 327 -22.70 10.65 8.15
C THR B 327 -23.86 11.23 7.35
N GLU B 328 -24.66 10.35 6.75
CA GLU B 328 -25.88 10.79 6.10
C GLU B 328 -26.90 11.23 7.14
N ILE B 329 -27.32 10.31 8.01
CA ILE B 329 -28.14 10.68 9.14
C ILE B 329 -27.28 11.50 10.09
N GLN B 330 -27.61 12.78 10.26
CA GLN B 330 -26.78 13.69 11.01
C GLN B 330 -27.61 14.40 12.06
N THR B 331 -26.98 14.69 13.18
CA THR B 331 -27.67 15.40 14.24
C THR B 331 -27.94 16.84 13.83
N PRO B 332 -29.06 17.41 14.23
CA PRO B 332 -29.31 18.83 13.95
C PRO B 332 -28.26 19.71 14.59
N ARG B 333 -27.85 20.74 13.87
CA ARG B 333 -26.86 21.67 14.40
C ARG B 333 -27.30 22.22 15.75
N SER B 334 -28.53 22.74 15.81
CA SER B 334 -29.03 23.30 17.06
C SER B 334 -28.84 22.34 18.22
N VAL B 335 -29.45 21.16 18.13
CA VAL B 335 -29.29 20.16 19.18
C VAL B 335 -27.82 19.80 19.37
N ARG B 336 -26.99 20.06 18.37
CA ARG B 336 -25.57 19.79 18.46
C ARG B 336 -24.79 20.96 19.05
N ALA B 337 -25.45 22.08 19.33
CA ALA B 337 -24.77 23.25 19.86
C ALA B 337 -24.56 23.17 21.37
N MET B 338 -25.53 22.62 22.11
CA MET B 338 -25.43 22.61 23.56
C MET B 338 -24.22 21.83 24.07
N PHE B 339 -23.51 21.12 23.18
CA PHE B 339 -22.32 20.38 23.56
C PHE B 339 -21.04 21.01 23.03
N LYS B 340 -21.14 22.06 22.22
CA LYS B 340 -19.95 22.75 21.75
C LYS B 340 -19.03 23.09 22.91
N ASP B 341 -19.61 23.34 24.09
CA ASP B 341 -18.82 23.64 25.27
C ASP B 341 -17.97 22.46 25.72
N PRO B 342 -18.53 21.31 26.10
CA PRO B 342 -17.71 20.29 26.77
C PRO B 342 -16.73 19.53 25.88
N CYS B 343 -17.17 19.01 24.74
CA CYS B 343 -16.28 18.16 23.95
C CYS B 343 -15.18 18.96 23.25
N ILE B 344 -15.41 20.26 23.01
CA ILE B 344 -14.34 21.06 22.44
C ILE B 344 -13.20 21.08 23.46
N ARG B 345 -13.52 21.34 24.72
CA ARG B 345 -12.49 21.33 25.76
C ARG B 345 -11.89 19.95 25.92
N LEU B 346 -12.72 18.91 25.83
CA LEU B 346 -12.21 17.55 25.98
C LEU B 346 -11.24 17.21 24.85
N ALA B 347 -11.58 17.58 23.63
CA ALA B 347 -10.68 17.32 22.51
C ALA B 347 -9.41 18.16 22.62
N ALA B 348 -9.53 19.39 23.10
CA ALA B 348 -8.34 20.19 23.32
C ALA B 348 -7.41 19.53 24.34
N GLU B 349 -7.98 18.92 25.38
CA GLU B 349 -7.14 18.24 26.36
C GLU B 349 -6.54 16.96 25.79
N VAL B 350 -7.33 16.23 25.00
CA VAL B 350 -6.79 15.06 24.32
C VAL B 350 -5.59 15.44 23.46
N SER B 351 -5.74 16.49 22.66
CA SER B 351 -4.64 16.93 21.81
C SER B 351 -3.48 17.44 22.62
N LYS B 352 -3.75 18.10 23.76
CA LYS B 352 -2.66 18.60 24.59
C LYS B 352 -1.83 17.45 25.14
N VAL B 353 -2.50 16.39 25.59
CA VAL B 353 -1.74 15.25 26.11
C VAL B 353 -1.02 14.55 24.98
N LEU B 354 -1.64 14.43 23.82
CA LEU B 354 -0.95 13.81 22.69
C LEU B 354 0.27 14.62 22.29
N ILE B 355 0.21 15.94 22.39
CA ILE B 355 1.35 16.76 22.01
C ILE B 355 2.43 16.73 23.07
N GLU B 356 2.04 16.65 24.35
CA GLU B 356 3.06 16.46 25.37
C GLU B 356 3.75 15.12 25.20
N LEU B 357 3.07 14.12 24.63
CA LEU B 357 3.77 12.83 24.33
C LEU B 357 4.67 13.07 23.09
N SER B 358 4.19 13.79 22.10
CA SER B 358 5.00 13.96 20.88
C SER B 358 6.27 14.66 21.31
N ASN B 359 6.20 15.68 22.14
CA ASN B 359 7.45 16.29 22.64
C ASN B 359 8.29 15.28 23.41
N SER B 360 7.70 14.28 24.05
CA SER B 360 8.54 13.39 24.87
C SER B 360 9.40 12.48 24.00
N ILE B 361 8.84 11.83 22.97
CA ILE B 361 9.75 10.99 22.13
C ILE B 361 10.76 11.92 21.46
N ARG B 362 10.36 13.09 20.96
CA ARG B 362 11.29 13.98 20.21
C ARG B 362 12.44 14.47 21.07
N ASN B 363 12.19 14.79 22.34
CA ASN B 363 13.26 15.39 23.18
C ASN B 363 13.82 14.33 24.12
N ARG B 364 13.49 13.07 23.88
CA ARG B 364 14.11 11.95 24.65
C ARG B 364 13.98 12.06 26.17
N ARG B 365 12.82 12.44 26.67
CA ARG B 365 12.60 12.48 28.14
C ARG B 365 11.29 11.76 28.46
N HIS B 366 11.20 11.04 29.58
CA HIS B 366 9.91 10.41 29.97
C HIS B 366 8.81 11.44 30.24
N CYS B 367 7.54 11.12 29.95
CA CYS B 367 6.39 12.04 30.25
C CYS B 367 6.24 12.42 31.72
N SER B 368 5.56 13.54 31.95
CA SER B 368 5.27 13.98 33.33
C SER B 368 4.52 12.87 34.04
N PRO B 369 4.77 12.48 35.31
CA PRO B 369 3.96 11.42 35.92
C PRO B 369 2.49 11.74 35.73
N GLU B 370 2.09 12.98 35.99
CA GLU B 370 0.69 13.39 35.85
C GLU B 370 0.43 13.98 34.47
N ILE B 371 0.83 13.25 33.42
CA ILE B 371 0.56 13.73 32.06
C ILE B 371 -0.93 13.94 31.87
N LEU B 372 -1.72 12.91 32.13
CA LEU B 372 -3.16 13.05 32.09
C LEU B 372 -3.60 14.07 33.13
N SER B 373 -4.16 15.17 32.66
CA SER B 373 -4.36 16.34 33.49
C SER B 373 -5.62 16.21 34.34
N ASP B 374 -5.60 16.92 35.47
CA ASP B 374 -6.84 17.22 36.15
C ASP B 374 -7.80 17.96 35.23
N HIS B 375 -7.27 18.69 34.25
CA HIS B 375 -8.12 19.38 33.29
C HIS B 375 -8.86 18.37 32.41
N LEU B 376 -8.20 17.27 32.06
CA LEU B 376 -8.90 16.24 31.29
C LEU B 376 -10.06 15.65 32.08
N HIS B 377 -9.81 15.29 33.33
CA HIS B 377 -10.88 14.74 34.15
C HIS B 377 -11.99 15.77 34.37
N GLU B 378 -11.64 17.05 34.49
CA GLU B 378 -12.65 18.09 34.62
C GLU B 378 -13.49 18.19 33.36
N ALA B 379 -12.84 18.12 32.20
CA ALA B 379 -13.57 18.16 30.93
C ALA B 379 -14.52 16.98 30.82
N LEU B 380 -14.06 15.80 31.22
CA LEU B 380 -14.95 14.63 31.16
C LEU B 380 -16.09 14.76 32.16
N GLN B 381 -15.83 15.30 33.35
CA GLN B 381 -16.92 15.56 34.27
C GLN B 381 -17.94 16.51 33.64
N ASP B 382 -17.45 17.57 32.99
CA ASP B 382 -18.36 18.52 32.37
C ASP B 382 -19.18 17.87 31.27
N LEU B 383 -18.53 17.07 30.42
CA LEU B 383 -19.25 16.39 29.36
C LEU B 383 -20.29 15.42 29.92
N ASN B 384 -19.94 14.73 31.00
CA ASN B 384 -20.91 13.88 31.67
C ASN B 384 -22.12 14.69 32.13
N THR B 385 -21.87 15.81 32.81
CA THR B 385 -22.97 16.67 33.23
C THR B 385 -23.83 17.08 32.04
N ALA B 386 -23.19 17.56 30.98
CA ALA B 386 -23.92 17.95 29.79
C ALA B 386 -24.82 16.83 29.31
N ILE B 387 -24.30 15.61 29.26
CA ILE B 387 -25.12 14.47 28.90
C ILE B 387 -26.29 14.32 29.87
N LYS B 388 -26.03 14.58 31.15
CA LYS B 388 -27.10 14.54 32.14
C LYS B 388 -28.10 15.66 31.90
N SER B 389 -27.63 16.90 31.83
CA SER B 389 -28.51 18.02 31.56
C SER B 389 -29.17 17.84 30.20
N GLN B 390 -30.48 18.07 30.13
CA GLN B 390 -31.26 17.77 28.94
C GLN B 390 -31.04 16.30 28.54
N PRO B 391 -31.34 15.36 29.45
CA PRO B 391 -31.00 13.95 29.19
C PRO B 391 -31.89 13.31 28.13
N ARG B 392 -32.78 14.08 27.51
CA ARG B 392 -33.72 13.53 26.54
C ARG B 392 -33.07 12.54 25.60
N LEU B 393 -32.02 12.97 24.90
CA LEU B 393 -31.24 12.14 23.97
C LEU B 393 -31.96 10.88 23.48
N SER B 455 -34.34 16.13 -13.55
CA SER B 455 -34.85 14.95 -12.89
C SER B 455 -33.85 14.58 -11.80
N LEU B 456 -34.35 14.22 -10.62
CA LEU B 456 -33.53 13.79 -9.51
C LEU B 456 -34.05 12.48 -8.98
N ARG B 457 -33.14 11.59 -8.57
CA ARG B 457 -33.49 10.29 -8.01
C ARG B 457 -33.28 10.34 -6.51
N PRO B 458 -34.34 10.39 -5.70
CA PRO B 458 -34.17 10.60 -4.25
C PRO B 458 -33.85 9.35 -3.44
N GLN B 459 -33.07 9.56 -2.37
CA GLN B 459 -32.71 8.45 -1.44
C GLN B 459 -33.83 7.97 -0.51
N LEU B 460 -34.41 6.80 -0.78
CA LEU B 460 -35.55 6.25 0.02
C LEU B 460 -35.15 5.96 1.47
N SER B 461 -34.02 5.30 1.74
CA SER B 461 -33.69 4.87 3.13
C SER B 461 -33.60 6.03 4.11
N LYS B 462 -32.80 7.05 3.83
CA LYS B 462 -32.70 8.23 4.69
C LYS B 462 -34.07 8.73 5.10
N ILE B 463 -35.02 8.74 4.16
CA ILE B 463 -36.38 9.14 4.49
C ILE B 463 -36.95 8.23 5.55
N ALA B 464 -36.78 6.92 5.39
CA ALA B 464 -37.28 5.98 6.39
C ALA B 464 -36.67 6.28 7.75
N ILE B 465 -35.35 6.42 7.82
CA ILE B 465 -34.68 6.62 9.10
C ILE B 465 -35.20 7.87 9.78
N THR B 466 -35.03 9.02 9.13
CA THR B 466 -35.42 10.28 9.76
C THR B 466 -36.91 10.37 10.02
N SER B 467 -37.73 9.66 9.23
CA SER B 467 -39.19 9.66 9.54
C SER B 467 -39.38 8.99 10.90
N LEU B 468 -38.66 7.90 11.14
CA LEU B 468 -38.75 7.22 12.46
C LEU B 468 -38.17 8.21 13.46
N GLU B 469 -38.69 8.22 14.68
CA GLU B 469 -38.06 9.11 15.68
C GLU B 469 -36.85 8.43 16.29
N PHE B 470 -35.89 7.99 15.45
CA PHE B 470 -34.63 7.48 16.03
C PHE B 470 -34.07 8.73 16.67
N SER B 471 -33.47 8.62 17.84
CA SER B 471 -33.10 9.90 18.48
C SER B 471 -32.26 10.72 17.50
N GLU B 472 -32.60 12.00 17.35
CA GLU B 472 -31.88 12.90 16.44
C GLU B 472 -30.47 13.06 17.00
N ALA B 473 -30.35 12.97 18.33
CA ALA B 473 -29.03 13.08 18.97
C ALA B 473 -28.37 11.71 19.05
N LEU B 474 -28.95 10.66 18.47
CA LEU B 474 -28.24 9.39 18.52
C LEU B 474 -26.90 9.47 17.81
N PRO B 475 -26.81 10.05 16.61
CA PRO B 475 -25.49 10.22 15.99
C PRO B 475 -24.53 10.98 16.89
N PHE B 476 -25.00 12.02 17.57
CA PHE B 476 -24.11 12.73 18.47
C PHE B 476 -23.70 11.87 19.65
N ALA B 477 -24.61 11.03 20.15
CA ALA B 477 -24.22 10.12 21.22
C ALA B 477 -23.11 9.20 20.74
N ALA B 478 -23.20 8.75 19.49
CA ALA B 478 -22.13 7.94 18.93
C ALA B 478 -20.83 8.74 18.88
N PHE B 479 -20.91 9.98 18.42
CA PHE B 479 -19.73 10.83 18.38
C PHE B 479 -19.11 10.97 19.75
N ALA B 480 -19.92 11.24 20.77
CA ALA B 480 -19.41 11.43 22.12
C ALA B 480 -18.81 10.15 22.66
N SER B 481 -19.43 9.02 22.37
CA SER B 481 -18.87 7.76 22.81
C SER B 481 -17.52 7.50 22.16
N LEU B 482 -17.38 7.86 20.89
CA LEU B 482 -16.09 7.73 20.22
C LEU B 482 -15.05 8.65 20.84
N LEU B 483 -15.44 9.88 21.15
CA LEU B 483 -14.50 10.81 21.77
C LEU B 483 -14.06 10.30 23.14
N VAL B 484 -14.97 9.71 23.90
CA VAL B 484 -14.58 9.19 25.20
C VAL B 484 -13.72 7.95 25.05
N GLU B 485 -13.98 7.12 24.04
CA GLU B 485 -13.07 5.99 23.78
C GLU B 485 -11.69 6.50 23.41
N THR B 486 -11.63 7.65 22.74
CA THR B 486 -10.34 8.31 22.52
C THR B 486 -9.65 8.65 23.84
N VAL B 487 -10.38 9.33 24.72
CA VAL B 487 -9.82 9.64 26.03
C VAL B 487 -9.27 8.40 26.70
N ALA B 488 -9.99 7.28 26.57
CA ALA B 488 -9.54 6.04 27.19
C ALA B 488 -8.27 5.51 26.52
N LYS B 489 -8.25 5.47 25.19
CA LYS B 489 -7.07 5.02 24.47
C LYS B 489 -5.84 5.83 24.85
N LEU B 490 -6.06 7.08 25.29
CA LEU B 490 -4.94 7.90 25.71
C LEU B 490 -4.08 7.19 26.74
N ASP B 491 -4.70 6.50 27.70
CA ASP B 491 -3.93 5.86 28.74
C ASP B 491 -3.10 4.70 28.20
N LEU B 492 -3.69 3.92 27.29
CA LEU B 492 -2.92 2.87 26.65
C LEU B 492 -1.70 3.43 25.94
N VAL B 493 -1.89 4.51 25.18
CA VAL B 493 -0.76 5.10 24.46
C VAL B 493 0.27 5.60 25.44
N ILE B 494 -0.16 6.22 26.54
CA ILE B 494 0.78 6.72 27.52
C ILE B 494 1.62 5.60 28.09
N GLU B 495 0.97 4.49 28.45
CA GLU B 495 1.71 3.37 29.02
C GLU B 495 2.72 2.82 28.02
N GLU B 496 2.31 2.66 26.75
CA GLU B 496 3.24 2.13 25.77
C GLU B 496 4.41 3.06 25.55
N VAL B 497 4.16 4.37 25.48
CA VAL B 497 5.26 5.31 25.23
C VAL B 497 6.19 5.37 26.43
N GLU B 498 5.67 5.23 27.63
CA GLU B 498 6.55 5.24 28.80
C GLU B 498 7.39 3.97 28.86
N GLU B 499 6.81 2.83 28.52
CA GLU B 499 7.62 1.62 28.39
C GLU B 499 8.70 1.81 27.35
N LEU B 500 8.34 2.44 26.22
CA LEU B 500 9.34 2.78 25.21
C LEU B 500 10.49 3.55 25.82
N GLY B 501 10.19 4.70 26.42
CA GLY B 501 11.23 5.47 27.08
C GLY B 501 12.10 4.60 27.96
N ARG B 502 11.49 3.90 28.91
CA ARG B 502 12.26 3.03 29.80
C ARG B 502 13.12 2.06 29.02
N LEU B 503 12.69 1.69 27.81
CA LEU B 503 13.46 0.76 27.00
C LEU B 503 14.67 1.44 26.38
N ALA B 504 14.46 2.59 25.77
CA ALA B 504 15.56 3.39 25.25
C ALA B 504 16.23 4.11 26.42
N CYS B 505 17.18 4.98 26.13
CA CYS B 505 17.87 5.71 27.19
C CYS B 505 16.86 6.48 28.02
N PHE B 506 16.20 7.45 27.40
CA PHE B 506 15.16 8.25 28.04
C PHE B 506 15.36 8.43 29.53
#